data_6G87
#
_entry.id   6G87
#
_cell.length_a   119.592
_cell.length_b   119.592
_cell.length_c   78.476
_cell.angle_alpha   90.00
_cell.angle_beta   90.00
_cell.angle_gamma   90.00
#
_symmetry.space_group_name_H-M   'P 43'
#
loop_
_entity.id
_entity.type
_entity.pdbx_description
1 polymer 'TetR/AcrR family transcriptional regulator'
2 non-polymer '2-[N-CYCLOHEXYLAMINO]ETHANE SULFONIC ACID'
#
_entity_poly.entity_id   1
_entity_poly.type   'polypeptide(L)'
_entity_poly.pdbx_seq_one_letter_code
;GH(MSE)IETIAHPVHEKESAPAGRK(MSE)DIVIRAAWQLFLEQGFSATS(MSE)DAIAKAAGVSKATLYAYFPSKEAL
FASLIVAECESLQRDLPVPKLSAGLSEALRDFARQYLHTFIHRKDVAFVRIIANESGRFPVLARLFYESGPEATIRRLAQ
FLEEARAARVLEFDDP(MSE)EAANQFLSLVRGELPLLIVLGLSDLTEEAIEQEIEAGLKFFLKACQPRA
;
_entity_poly.pdbx_strand_id   A,B,C,D
#
# COMPACT_ATOMS: atom_id res chain seq x y z
N GLY A 20 -55.22 -2.95 22.20
CA GLY A 20 -54.74 -3.74 21.03
C GLY A 20 -54.25 -2.86 19.90
N ARG A 21 -55.14 -1.94 19.52
CA ARG A 21 -54.80 -0.75 18.71
C ARG A 21 -54.40 0.44 19.62
N LYS A 22 -55.02 0.55 20.80
CA LYS A 22 -54.61 1.56 21.80
C LYS A 22 -53.13 1.41 22.04
N ASP A 24 -50.83 0.03 19.98
CA ASP A 24 -49.94 0.29 18.85
C ASP A 24 -49.65 1.74 18.65
N ILE A 25 -50.65 2.59 18.84
CA ILE A 25 -50.40 4.01 18.69
C ILE A 25 -49.32 4.43 19.71
N VAL A 26 -49.36 3.82 20.89
CA VAL A 26 -48.35 4.06 21.92
C VAL A 26 -46.98 3.62 21.44
N ILE A 27 -46.87 2.38 20.99
CA ILE A 27 -45.62 1.89 20.46
C ILE A 27 -45.01 2.90 19.47
N ARG A 28 -45.77 3.30 18.46
CA ARG A 28 -45.23 4.15 17.41
C ARG A 28 -44.78 5.47 17.99
N ALA A 29 -45.56 6.02 18.93
CA ALA A 29 -45.18 7.28 19.58
C ALA A 29 -43.88 7.16 20.36
N ALA A 30 -43.69 6.04 21.02
CA ALA A 30 -42.52 5.81 21.83
C ALA A 30 -41.30 5.63 20.98
N TRP A 31 -41.44 4.88 19.90
CA TRP A 31 -40.35 4.69 18.95
C TRP A 31 -39.92 6.07 18.41
N GLN A 32 -40.88 6.91 18.01
CA GLN A 32 -40.58 8.25 17.54
C GLN A 32 -39.73 9.02 18.56
N LEU A 33 -40.08 8.95 19.83
CA LEU A 33 -39.34 9.71 20.85
C LEU A 33 -37.97 9.12 21.13
N PHE A 34 -37.91 7.82 21.25
CA PHE A 34 -36.65 7.18 21.50
C PHE A 34 -35.67 7.54 20.39
N LEU A 35 -36.14 7.64 19.16
CA LEU A 35 -35.25 7.95 18.05
C LEU A 35 -34.78 9.38 18.13
N GLU A 36 -35.72 10.27 18.39
CA GLU A 36 -35.51 11.70 18.39
C GLU A 36 -34.65 12.13 19.59
N GLN A 37 -34.82 11.49 20.75
CA GLN A 37 -34.19 11.92 22.00
C GLN A 37 -33.39 10.89 22.79
N GLY A 38 -33.48 9.62 22.43
CA GLY A 38 -32.88 8.58 23.25
C GLY A 38 -33.86 8.02 24.26
N PHE A 39 -33.47 6.92 24.87
CA PHE A 39 -34.33 6.20 25.80
C PHE A 39 -34.49 6.95 27.11
N SER A 40 -33.37 7.18 27.78
CA SER A 40 -33.37 7.85 29.08
C SER A 40 -33.95 9.26 29.06
N ALA A 41 -33.74 10.00 27.99
CA ALA A 41 -34.32 11.33 27.87
C ALA A 41 -35.84 11.36 27.56
N THR A 42 -36.49 10.21 27.44
CA THR A 42 -37.91 10.15 27.06
C THR A 42 -38.69 9.66 28.25
N SER A 43 -39.72 10.40 28.66
CA SER A 43 -40.48 10.05 29.86
C SER A 43 -41.84 9.45 29.52
N ASP A 45 -44.41 10.15 30.72
CA ASP A 45 -45.30 11.28 30.62
C ASP A 45 -45.39 11.79 29.18
N ALA A 46 -44.22 12.00 28.55
CA ALA A 46 -44.16 12.50 27.17
C ALA A 46 -44.80 11.51 26.20
N ILE A 47 -44.61 10.23 26.49
CA ILE A 47 -45.15 9.16 25.66
C ILE A 47 -46.67 9.17 25.71
N ALA A 48 -47.23 9.21 26.91
CA ALA A 48 -48.68 9.31 27.05
C ALA A 48 -49.26 10.47 26.26
N LYS A 49 -48.59 11.61 26.33
CA LYS A 49 -49.14 12.83 25.72
C LYS A 49 -49.00 12.79 24.22
N ALA A 50 -47.92 12.19 23.72
CA ALA A 50 -47.69 12.05 22.28
C ALA A 50 -48.67 11.05 21.68
N ALA A 51 -49.01 10.03 22.45
CA ALA A 51 -49.96 9.01 22.00
C ALA A 51 -51.43 9.33 22.29
N GLY A 52 -51.66 10.39 23.06
CA GLY A 52 -53.01 10.82 23.36
C GLY A 52 -53.74 9.87 24.28
N VAL A 53 -53.07 9.42 25.33
CA VAL A 53 -53.71 8.59 26.35
C VAL A 53 -53.44 9.13 27.74
N SER A 54 -54.23 8.67 28.69
CA SER A 54 -54.00 8.98 30.07
C SER A 54 -52.86 8.11 30.56
N LYS A 55 -52.18 8.57 31.60
CA LYS A 55 -51.17 7.76 32.26
C LYS A 55 -51.76 6.47 32.81
N ALA A 56 -53.01 6.49 33.29
CA ALA A 56 -53.63 5.26 33.78
C ALA A 56 -53.62 4.23 32.68
N THR A 57 -54.04 4.67 31.49
CA THR A 57 -54.12 3.80 30.31
C THR A 57 -52.74 3.27 29.92
N LEU A 58 -51.80 4.19 29.79
CA LEU A 58 -50.45 3.83 29.44
C LEU A 58 -49.87 2.76 30.35
N TYR A 59 -50.07 2.92 31.64
CA TYR A 59 -49.41 2.07 32.61
C TYR A 59 -50.12 0.75 32.75
N ALA A 60 -51.42 0.73 32.45
CA ALA A 60 -52.15 -0.53 32.33
C ALA A 60 -51.56 -1.45 31.25
N TYR A 61 -51.11 -0.88 30.13
CA TYR A 61 -50.50 -1.68 29.08
C TYR A 61 -49.08 -1.97 29.38
N PHE A 62 -48.37 -0.99 29.91
CA PHE A 62 -46.95 -1.17 30.16
C PHE A 62 -46.58 -0.75 31.56
N PRO A 63 -46.08 -1.69 32.37
CA PRO A 63 -45.77 -1.36 33.71
C PRO A 63 -44.59 -0.40 33.84
N SER A 64 -43.74 -0.32 32.85
CA SER A 64 -42.64 0.63 32.93
C SER A 64 -42.06 0.95 31.58
N LYS A 65 -41.39 2.07 31.51
CA LYS A 65 -40.64 2.43 30.32
C LYS A 65 -39.71 1.29 29.84
N GLU A 66 -39.04 0.58 30.75
CA GLU A 66 -38.18 -0.55 30.37
C GLU A 66 -39.02 -1.62 29.66
N ALA A 67 -40.15 -1.95 30.25
CA ALA A 67 -41.05 -2.95 29.67
C ALA A 67 -41.54 -2.49 28.31
N LEU A 68 -41.76 -1.21 28.16
CA LEU A 68 -42.19 -0.70 26.88
C LEU A 68 -41.13 -0.94 25.82
N PHE A 69 -39.91 -0.61 26.12
CA PHE A 69 -38.83 -0.80 25.15
C PHE A 69 -38.60 -2.27 24.84
N ALA A 70 -38.76 -3.12 25.83
CA ALA A 70 -38.67 -4.54 25.58
C ALA A 70 -39.69 -4.98 24.56
N SER A 71 -40.92 -4.49 24.66
CA SER A 71 -41.92 -4.82 23.62
C SER A 71 -41.46 -4.45 22.22
N LEU A 72 -40.86 -3.27 22.10
CA LEU A 72 -40.38 -2.84 20.81
C LEU A 72 -39.30 -3.74 20.30
N ILE A 73 -38.38 -4.08 21.20
CA ILE A 73 -37.31 -4.97 20.84
C ILE A 73 -37.84 -6.28 20.33
N VAL A 74 -38.68 -6.94 21.09
CA VAL A 74 -39.16 -8.25 20.69
C VAL A 74 -39.86 -8.17 19.34
N ALA A 75 -40.65 -7.11 19.18
CA ALA A 75 -41.47 -6.91 17.97
C ALA A 75 -40.58 -6.67 16.75
N GLU A 76 -39.63 -5.75 16.89
CA GLU A 76 -38.71 -5.44 15.80
C GLU A 76 -37.84 -6.64 15.50
N CYS A 77 -37.30 -7.29 16.52
CA CYS A 77 -36.48 -8.46 16.29
C CYS A 77 -37.23 -9.63 15.65
N GLU A 78 -38.47 -9.88 16.03
CA GLU A 78 -39.24 -10.95 15.36
C GLU A 78 -39.52 -10.63 13.91
N SER A 79 -39.77 -9.35 13.66
CA SER A 79 -39.97 -8.82 12.30
C SER A 79 -38.79 -9.10 11.37
N LEU A 80 -37.60 -8.72 11.84
CA LEU A 80 -36.37 -8.98 11.13
C LEU A 80 -36.13 -10.49 10.86
N GLN A 81 -36.57 -11.35 11.76
CA GLN A 81 -36.35 -12.80 11.61
C GLN A 81 -37.25 -13.45 10.55
N ARG A 82 -38.40 -12.83 10.30
CA ARG A 82 -39.29 -13.24 9.22
C ARG A 82 -38.69 -12.92 7.83
N ASP A 83 -37.87 -11.88 7.74
CA ASP A 83 -37.12 -11.58 6.51
C ASP A 83 -36.08 -12.65 6.07
N LEU A 84 -35.74 -13.60 6.94
CA LEU A 84 -34.70 -14.57 6.63
C LEU A 84 -35.33 -15.87 6.23
N PRO A 85 -34.71 -16.64 5.31
CA PRO A 85 -35.29 -17.94 4.95
C PRO A 85 -35.09 -18.99 6.05
N VAL A 86 -35.81 -20.09 5.92
CA VAL A 86 -35.50 -21.30 6.66
C VAL A 86 -34.74 -22.22 5.68
N PRO A 87 -33.44 -22.42 5.89
CA PRO A 87 -32.71 -23.05 4.81
C PRO A 87 -33.03 -24.52 4.68
N LYS A 88 -33.28 -24.98 3.46
CA LYS A 88 -33.66 -26.37 3.19
C LYS A 88 -32.53 -27.10 2.54
N LEU A 89 -32.20 -28.26 3.10
CA LEU A 89 -31.12 -29.07 2.59
C LEU A 89 -31.47 -29.73 1.25
N SER A 90 -32.76 -29.89 1.00
CA SER A 90 -33.25 -30.31 -0.33
C SER A 90 -32.81 -29.38 -1.48
N ALA A 91 -32.63 -28.08 -1.18
CA ALA A 91 -32.28 -27.07 -2.18
C ALA A 91 -30.87 -27.24 -2.71
N GLY A 92 -30.07 -28.04 -2.03
CA GLY A 92 -28.65 -28.12 -2.27
C GLY A 92 -28.01 -27.42 -1.09
N LEU A 93 -26.90 -27.95 -0.60
CA LEU A 93 -26.21 -27.34 0.52
C LEU A 93 -25.76 -25.90 0.23
N SER A 94 -24.95 -25.72 -0.80
CA SER A 94 -24.48 -24.41 -1.20
C SER A 94 -25.58 -23.40 -1.43
N GLU A 95 -26.61 -23.77 -2.17
CA GLU A 95 -27.59 -22.78 -2.62
C GLU A 95 -28.39 -22.34 -1.41
N ALA A 96 -28.60 -23.26 -0.49
CA ALA A 96 -29.25 -22.91 0.75
C ALA A 96 -28.47 -21.89 1.55
N LEU A 97 -27.18 -22.14 1.71
CA LEU A 97 -26.32 -21.25 2.48
C LEU A 97 -26.16 -19.93 1.76
N ARG A 98 -26.08 -20.02 0.44
CA ARG A 98 -25.91 -18.86 -0.38
C ARG A 98 -27.14 -17.99 -0.23
N ASP A 99 -28.33 -18.59 -0.30
CA ASP A 99 -29.58 -17.85 -0.02
C ASP A 99 -29.58 -17.13 1.35
N PHE A 100 -29.16 -17.86 2.37
CA PHE A 100 -29.22 -17.38 3.72
C PHE A 100 -28.25 -16.23 3.91
N ALA A 101 -27.06 -16.40 3.37
CA ALA A 101 -26.09 -15.33 3.40
C ALA A 101 -26.61 -14.09 2.69
N ARG A 102 -27.21 -14.29 1.52
CA ARG A 102 -27.69 -13.17 0.75
C ARG A 102 -28.69 -12.33 1.58
N GLN A 103 -29.58 -13.00 2.29
CA GLN A 103 -30.61 -12.31 3.02
C GLN A 103 -30.01 -11.70 4.26
N TYR A 104 -29.02 -12.38 4.82
CA TYR A 104 -28.30 -11.87 6.00
C TYR A 104 -27.63 -10.53 5.72
N LEU A 105 -26.98 -10.42 4.57
CA LEU A 105 -26.34 -9.17 4.19
C LEU A 105 -27.28 -8.07 3.82
N HIS A 106 -28.43 -8.42 3.26
CA HIS A 106 -29.39 -7.37 2.98
C HIS A 106 -29.69 -6.55 4.23
N THR A 107 -29.66 -7.18 5.40
CA THR A 107 -29.94 -6.44 6.62
C THR A 107 -28.88 -5.35 6.91
N PHE A 108 -27.64 -5.62 6.60
CA PHE A 108 -26.58 -4.66 6.83
C PHE A 108 -26.64 -3.51 5.87
N ILE A 109 -26.84 -3.83 4.62
CA ILE A 109 -26.83 -2.84 3.56
C ILE A 109 -27.96 -1.84 3.76
N HIS A 110 -29.17 -2.33 3.98
CA HIS A 110 -30.32 -1.46 4.17
C HIS A 110 -30.49 -1.06 5.61
N ARG A 111 -29.45 -1.24 6.41
CA ARG A 111 -29.30 -0.55 7.66
C ARG A 111 -30.54 -0.74 8.51
N LYS A 112 -31.01 -1.97 8.55
CA LYS A 112 -32.26 -2.31 9.22
C LYS A 112 -32.08 -2.28 10.73
N ASP A 113 -30.85 -2.49 11.23
CA ASP A 113 -30.58 -2.60 12.67
C ASP A 113 -30.05 -1.33 13.24
N VAL A 114 -29.68 -0.37 12.39
CA VAL A 114 -28.75 0.68 12.81
C VAL A 114 -29.34 1.63 13.83
N ALA A 115 -30.52 2.16 13.53
CA ALA A 115 -31.20 3.07 14.44
C ALA A 115 -31.49 2.42 15.78
N PHE A 116 -31.98 1.20 15.71
CA PHE A 116 -32.21 0.42 16.91
C PHE A 116 -30.96 0.26 17.79
N VAL A 117 -29.84 -0.08 17.19
CA VAL A 117 -28.60 -0.34 17.95
C VAL A 117 -28.01 0.96 18.52
N ARG A 118 -28.11 2.02 17.73
CA ARG A 118 -27.67 3.31 18.20
C ARG A 118 -28.38 3.66 19.50
N ILE A 119 -29.68 3.39 19.61
CA ILE A 119 -30.40 3.72 20.82
C ILE A 119 -29.86 3.02 22.05
N ILE A 120 -29.65 1.71 21.93
CA ILE A 120 -29.10 0.97 23.05
C ILE A 120 -27.64 1.35 23.36
N ALA A 121 -26.88 1.54 22.30
CA ALA A 121 -25.49 1.85 22.44
C ALA A 121 -25.32 3.18 23.13
N ASN A 122 -26.23 4.09 22.84
CA ASN A 122 -26.18 5.44 23.38
C ASN A 122 -26.47 5.47 24.89
N GLU A 123 -26.99 4.38 25.45
CA GLU A 123 -27.19 4.27 26.88
C GLU A 123 -25.92 3.88 27.63
N SER A 124 -24.83 3.57 26.91
CA SER A 124 -23.52 3.37 27.53
C SER A 124 -23.59 2.32 28.63
N GLY A 125 -24.30 1.23 28.36
CA GLY A 125 -24.45 0.12 29.30
C GLY A 125 -25.21 0.34 30.60
N ARG A 126 -26.05 1.36 30.69
CA ARG A 126 -26.96 1.51 31.83
C ARG A 126 -28.07 0.47 31.86
N PHE A 127 -28.33 -0.18 30.71
CA PHE A 127 -29.44 -1.11 30.64
C PHE A 127 -29.05 -2.47 30.07
N PRO A 128 -28.15 -3.18 30.77
CA PRO A 128 -27.65 -4.47 30.30
C PRO A 128 -28.71 -5.50 30.01
N VAL A 129 -29.83 -5.48 30.73
CA VAL A 129 -30.88 -6.47 30.51
C VAL A 129 -31.56 -6.28 29.15
N LEU A 130 -31.85 -5.04 28.81
CA LEU A 130 -32.37 -4.71 27.50
C LEU A 130 -31.36 -4.95 26.41
N ALA A 131 -30.10 -4.64 26.66
CA ALA A 131 -29.06 -4.91 25.66
C ALA A 131 -28.98 -6.42 25.36
N ARG A 132 -28.99 -7.25 26.40
CA ARG A 132 -28.94 -8.70 26.23
C ARG A 132 -30.22 -9.24 25.58
N LEU A 133 -31.34 -8.61 25.87
CA LEU A 133 -32.58 -9.04 25.29
C LEU A 133 -32.53 -8.83 23.79
N PHE A 134 -32.03 -7.66 23.37
CA PHE A 134 -31.84 -7.42 21.95
C PHE A 134 -30.90 -8.45 21.34
N TYR A 135 -29.74 -8.66 21.96
CA TYR A 135 -28.77 -9.59 21.43
C TYR A 135 -29.41 -10.95 21.22
N GLU A 136 -30.07 -11.46 22.24
CA GLU A 136 -30.67 -12.80 22.18
C GLU A 136 -31.87 -12.84 21.21
N SER A 137 -32.54 -11.73 21.05
CA SER A 137 -33.73 -11.72 20.19
C SER A 137 -33.41 -11.53 18.72
N GLY A 138 -32.24 -10.96 18.42
CA GLY A 138 -31.82 -10.74 17.02
C GLY A 138 -30.57 -11.53 16.60
N PRO A 139 -29.39 -10.93 16.72
CA PRO A 139 -28.15 -11.53 16.37
C PRO A 139 -28.01 -12.99 16.77
N GLU A 140 -28.23 -13.30 18.04
CA GLU A 140 -28.05 -14.67 18.48
C GLU A 140 -29.13 -15.55 17.88
N ALA A 141 -30.30 -14.99 17.63
CA ALA A 141 -31.39 -15.72 17.02
C ALA A 141 -31.05 -16.14 15.60
N THR A 142 -30.36 -15.26 14.88
CA THR A 142 -29.87 -15.58 13.54
C THR A 142 -28.90 -16.75 13.62
N ILE A 143 -27.96 -16.67 14.54
CA ILE A 143 -27.04 -17.77 14.75
C ILE A 143 -27.80 -19.09 15.00
N ARG A 144 -28.79 -19.07 15.88
CA ARG A 144 -29.50 -20.29 16.20
C ARG A 144 -30.26 -20.88 15.02
N ARG A 145 -30.86 -20.06 14.17
CA ARG A 145 -31.57 -20.58 12.98
C ARG A 145 -30.63 -21.31 12.11
N LEU A 146 -29.49 -20.69 11.83
CA LEU A 146 -28.49 -21.28 10.95
C LEU A 146 -27.93 -22.53 11.59
N ALA A 147 -27.68 -22.45 12.89
CA ALA A 147 -27.17 -23.59 13.63
C ALA A 147 -28.07 -24.82 13.51
N GLN A 148 -29.39 -24.67 13.53
CA GLN A 148 -30.25 -25.85 13.39
C GLN A 148 -30.21 -26.37 11.97
N PHE A 149 -30.03 -25.52 10.99
CA PHE A 149 -29.79 -26.01 9.62
C PHE A 149 -28.47 -26.78 9.52
N LEU A 150 -27.41 -26.22 10.10
CA LEU A 150 -26.11 -26.89 10.07
C LEU A 150 -26.15 -28.25 10.79
N GLU A 151 -26.96 -28.36 11.83
CA GLU A 151 -27.04 -29.57 12.60
C GLU A 151 -27.64 -30.67 11.70
N GLU A 152 -28.53 -30.27 10.78
CA GLU A 152 -29.08 -31.20 9.75
C GLU A 152 -28.04 -31.62 8.75
N ALA A 153 -27.26 -30.66 8.28
CA ALA A 153 -26.20 -30.95 7.32
C ALA A 153 -25.16 -31.91 7.88
N ARG A 154 -24.84 -31.75 9.16
CA ARG A 154 -23.93 -32.68 9.82
C ARG A 154 -24.54 -34.07 9.99
N ALA A 155 -25.79 -34.15 10.40
CA ALA A 155 -26.52 -35.42 10.47
C ALA A 155 -26.50 -36.11 9.11
N ALA A 156 -26.53 -35.34 8.03
CA ALA A 156 -26.43 -35.90 6.68
C ALA A 156 -24.99 -36.13 6.21
N ARG A 157 -24.03 -36.02 7.12
CA ARG A 157 -22.60 -36.28 6.83
C ARG A 157 -22.04 -35.43 5.71
N VAL A 158 -22.66 -34.29 5.44
CA VAL A 158 -22.26 -33.45 4.32
C VAL A 158 -21.46 -32.20 4.79
N LEU A 159 -21.48 -31.96 6.11
CA LEU A 159 -20.52 -31.09 6.80
C LEU A 159 -20.01 -31.73 8.09
N GLU A 160 -18.83 -31.28 8.55
CA GLU A 160 -18.20 -31.82 9.76
C GLU A 160 -17.70 -30.66 10.64
N PHE A 161 -18.09 -30.69 11.92
CA PHE A 161 -17.72 -29.69 12.91
C PHE A 161 -18.23 -30.13 14.30
N ASP A 162 -17.57 -29.65 15.36
CA ASP A 162 -17.92 -30.06 16.73
C ASP A 162 -19.14 -29.39 17.29
N ASP A 163 -19.31 -28.09 17.01
CA ASP A 163 -20.39 -27.30 17.62
C ASP A 163 -21.15 -26.51 16.54
N PRO A 164 -22.48 -26.69 16.49
CA PRO A 164 -23.29 -26.02 15.48
C PRO A 164 -23.39 -24.47 15.63
N GLU A 166 -21.15 -22.52 17.15
CA GLU A 166 -19.82 -22.04 16.79
C GLU A 166 -19.69 -21.95 15.29
N ALA A 167 -20.13 -22.98 14.60
CA ALA A 167 -19.96 -23.04 13.15
C ALA A 167 -20.82 -22.01 12.47
N ALA A 168 -21.99 -21.76 13.01
CA ALA A 168 -22.87 -20.75 12.46
C ALA A 168 -22.21 -19.41 12.60
N ASN A 169 -21.68 -19.16 13.78
CA ASN A 169 -21.03 -17.88 14.03
C ASN A 169 -19.88 -17.67 13.09
N GLN A 170 -19.14 -18.74 12.84
CA GLN A 170 -18.00 -18.65 11.94
C GLN A 170 -18.45 -18.32 10.53
N PHE A 171 -19.49 -19.01 10.07
CA PHE A 171 -20.03 -18.74 8.76
C PHE A 171 -20.43 -17.29 8.58
N LEU A 172 -21.14 -16.73 9.56
CA LEU A 172 -21.63 -15.37 9.45
C LEU A 172 -20.50 -14.38 9.55
N SER A 173 -19.57 -14.65 10.44
CA SER A 173 -18.41 -13.80 10.54
C SER A 173 -17.65 -13.71 9.21
N LEU A 174 -17.60 -14.81 8.47
CA LEU A 174 -16.87 -14.80 7.22
C LEU A 174 -17.57 -13.98 6.19
N VAL A 175 -18.86 -14.20 6.11
CA VAL A 175 -19.68 -13.62 5.08
C VAL A 175 -19.79 -12.13 5.29
N ARG A 176 -20.00 -11.73 6.54
CA ARG A 176 -20.20 -10.32 6.80
C ARG A 176 -18.87 -9.61 6.82
N GLY A 177 -17.82 -10.29 7.25
CA GLY A 177 -16.47 -9.80 7.05
C GLY A 177 -16.34 -8.44 7.67
N GLU A 178 -15.93 -7.47 6.87
CA GLU A 178 -15.76 -6.11 7.36
C GLU A 178 -16.77 -5.14 6.75
N LEU A 179 -17.88 -5.68 6.28
CA LEU A 179 -18.87 -4.87 5.64
C LEU A 179 -19.55 -3.95 6.61
N PRO A 180 -19.89 -4.47 7.77
CA PRO A 180 -20.52 -3.59 8.73
C PRO A 180 -19.70 -2.31 8.95
N LEU A 181 -18.39 -2.46 9.04
CA LEU A 181 -17.54 -1.32 9.29
C LEU A 181 -17.58 -0.36 8.11
N LEU A 182 -17.40 -0.92 6.91
CA LEU A 182 -17.39 -0.12 5.71
C LEU A 182 -18.71 0.67 5.51
N ILE A 183 -19.84 0.03 5.82
CA ILE A 183 -21.14 0.66 5.68
C ILE A 183 -21.22 1.82 6.65
N VAL A 184 -20.95 1.52 7.90
CA VAL A 184 -20.96 2.53 8.94
C VAL A 184 -20.07 3.73 8.60
N LEU A 185 -18.93 3.51 7.98
CA LEU A 185 -18.08 4.62 7.59
C LEU A 185 -18.56 5.32 6.33
N GLY A 186 -19.56 4.74 5.70
CA GLY A 186 -20.07 5.26 4.46
C GLY A 186 -19.16 5.00 3.31
N LEU A 187 -18.44 3.88 3.32
CA LEU A 187 -17.55 3.52 2.21
C LEU A 187 -17.99 2.30 1.42
N SER A 188 -19.04 1.62 1.90
CA SER A 188 -19.56 0.49 1.18
C SER A 188 -20.53 0.94 0.13
N ASP A 189 -20.32 0.49 -1.10
CA ASP A 189 -21.37 0.58 -2.12
C ASP A 189 -21.43 -0.73 -2.90
N LEU A 190 -22.46 -1.50 -2.59
CA LEU A 190 -22.52 -2.86 -3.06
C LEU A 190 -23.61 -3.09 -4.10
N THR A 191 -23.17 -3.16 -5.35
CA THR A 191 -23.93 -3.75 -6.41
C THR A 191 -24.25 -5.21 -6.05
N GLU A 192 -25.26 -5.77 -6.74
CA GLU A 192 -25.63 -7.17 -6.58
C GLU A 192 -24.47 -8.10 -6.84
N GLU A 193 -23.70 -7.79 -7.88
CA GLU A 193 -22.56 -8.62 -8.24
C GLU A 193 -21.49 -8.56 -7.15
N ALA A 194 -21.32 -7.39 -6.57
CA ALA A 194 -20.35 -7.22 -5.50
C ALA A 194 -20.74 -8.07 -4.31
N ILE A 195 -22.02 -8.10 -4.02
CA ILE A 195 -22.55 -8.90 -2.93
C ILE A 195 -22.35 -10.38 -3.18
N GLU A 196 -22.63 -10.84 -4.39
CA GLU A 196 -22.44 -12.26 -4.72
C GLU A 196 -20.99 -12.64 -4.50
N GLN A 197 -20.06 -11.72 -4.78
CA GLN A 197 -18.64 -11.98 -4.59
C GLN A 197 -18.31 -12.15 -3.10
N GLU A 198 -18.94 -11.34 -2.26
CA GLU A 198 -18.68 -11.42 -0.79
C GLU A 198 -19.10 -12.75 -0.28
N ILE A 199 -20.25 -13.17 -0.76
CA ILE A 199 -20.84 -14.40 -0.29
C ILE A 199 -20.02 -15.59 -0.75
N GLU A 200 -19.66 -15.58 -2.03
CA GLU A 200 -18.99 -16.72 -2.61
C GLU A 200 -17.65 -16.95 -1.91
N ALA A 201 -16.96 -15.86 -1.58
CA ALA A 201 -15.70 -15.94 -0.88
C ALA A 201 -15.88 -16.59 0.49
N GLY A 202 -16.87 -16.10 1.21
CA GLY A 202 -17.13 -16.56 2.57
C GLY A 202 -17.56 -18.00 2.62
N LEU A 203 -18.41 -18.37 1.70
CA LEU A 203 -18.91 -19.70 1.59
C LEU A 203 -17.80 -20.66 1.17
N LYS A 204 -17.02 -20.27 0.15
CA LYS A 204 -15.94 -21.13 -0.36
C LYS A 204 -15.04 -21.56 0.78
N PHE A 205 -14.73 -20.61 1.65
CA PHE A 205 -13.81 -20.81 2.76
C PHE A 205 -14.43 -21.70 3.81
N PHE A 206 -15.67 -21.41 4.15
CA PHE A 206 -16.41 -22.18 5.13
C PHE A 206 -16.50 -23.66 4.72
N LEU A 207 -16.81 -23.89 3.46
CA LEU A 207 -16.88 -25.24 2.94
C LEU A 207 -15.49 -25.90 2.91
N LYS A 208 -14.47 -25.11 2.61
CA LYS A 208 -13.11 -25.61 2.60
C LYS A 208 -12.72 -26.14 3.98
N ALA A 209 -13.33 -25.65 5.04
CA ALA A 209 -13.03 -26.15 6.38
C ALA A 209 -14.02 -27.22 6.94
N CYS A 210 -15.23 -27.29 6.42
CA CYS A 210 -16.23 -28.20 6.99
C CYS A 210 -16.69 -29.31 6.04
N GLN A 211 -16.51 -29.14 4.74
CA GLN A 211 -16.76 -30.24 3.83
C GLN A 211 -15.77 -31.34 4.16
N PRO A 212 -16.25 -32.58 4.25
CA PRO A 212 -15.30 -33.66 4.54
C PRO A 212 -14.42 -33.82 3.33
N ARG A 213 -13.12 -33.67 3.51
CA ARG A 213 -12.14 -33.70 2.39
C ARG A 213 -12.07 -35.18 1.97
N ALA A 214 -12.39 -35.42 0.71
CA ALA A 214 -12.67 -36.77 0.21
C ALA A 214 -12.62 -36.79 -1.33
N GLY B 20 4.95 22.62 19.60
CA GLY B 20 5.45 21.25 19.90
C GLY B 20 4.91 20.69 21.20
N ARG B 21 5.17 21.45 22.26
CA ARG B 21 4.66 21.19 23.62
C ARG B 21 3.18 21.68 23.67
N LYS B 22 2.88 22.80 22.99
CA LYS B 22 1.50 23.33 22.89
C LYS B 22 0.62 22.52 21.93
N ASP B 24 0.37 19.62 21.46
CA ASP B 24 -0.18 18.42 22.09
C ASP B 24 -1.36 18.74 23.00
N ILE B 25 -1.30 19.87 23.70
CA ILE B 25 -2.43 20.27 24.56
C ILE B 25 -3.66 20.45 23.70
N VAL B 26 -3.46 20.97 22.49
CA VAL B 26 -4.53 21.12 21.53
C VAL B 26 -5.08 19.75 21.14
N ILE B 27 -4.22 18.84 20.69
CA ILE B 27 -4.66 17.48 20.33
C ILE B 27 -5.56 16.90 21.42
N ARG B 28 -5.09 16.89 22.66
CA ARG B 28 -5.83 16.26 23.76
C ARG B 28 -7.18 16.93 23.99
N ALA B 29 -7.20 18.27 23.92
CA ALA B 29 -8.46 19.02 24.03
C ALA B 29 -9.45 18.66 22.92
N ALA B 30 -8.94 18.52 21.71
CA ALA B 30 -9.77 18.20 20.57
C ALA B 30 -10.34 16.79 20.66
N TRP B 31 -9.50 15.84 21.02
CA TRP B 31 -9.95 14.49 21.19
C TRP B 31 -11.08 14.44 22.23
N GLN B 32 -10.89 15.12 23.34
CA GLN B 32 -11.89 15.14 24.38
C GLN B 32 -13.23 15.60 23.82
N LEU B 33 -13.22 16.65 22.99
CA LEU B 33 -14.48 17.19 22.48
C LEU B 33 -15.08 16.31 21.44
N PHE B 34 -14.25 15.79 20.54
CA PHE B 34 -14.76 14.89 19.51
C PHE B 34 -15.46 13.69 20.14
N LEU B 35 -14.95 13.19 21.26
CA LEU B 35 -15.57 12.05 21.91
C LEU B 35 -16.88 12.40 22.52
N GLU B 36 -16.90 13.50 23.25
CA GLU B 36 -18.07 13.84 24.02
C GLU B 36 -19.19 14.36 23.06
N GLN B 37 -18.85 15.01 21.95
CA GLN B 37 -19.85 15.69 21.11
C GLN B 37 -19.89 15.35 19.65
N GLY B 38 -18.88 14.66 19.15
CA GLY B 38 -18.77 14.43 17.73
C GLY B 38 -17.89 15.46 17.05
N PHE B 39 -17.59 15.21 15.79
CA PHE B 39 -16.67 16.04 15.02
C PHE B 39 -17.34 17.34 14.63
N SER B 40 -18.42 17.27 13.88
CA SER B 40 -19.10 18.45 13.39
C SER B 40 -19.60 19.36 14.50
N ALA B 41 -20.02 18.77 15.62
CA ALA B 41 -20.53 19.58 16.75
C ALA B 41 -19.41 20.22 17.57
N THR B 42 -18.15 20.06 17.12
CA THR B 42 -17.04 20.64 17.81
C THR B 42 -16.38 21.69 16.90
N SER B 43 -16.28 22.91 17.40
CA SER B 43 -15.79 23.98 16.55
C SER B 43 -14.34 24.29 16.90
N ASP B 45 -13.30 27.01 17.28
CA ASP B 45 -13.46 28.01 18.33
C ASP B 45 -13.45 27.40 19.70
N ALA B 46 -14.26 26.36 19.89
CA ALA B 46 -14.33 25.63 21.16
C ALA B 46 -12.98 24.98 21.50
N ILE B 47 -12.30 24.46 20.48
CA ILE B 47 -11.04 23.79 20.66
C ILE B 47 -10.00 24.78 21.15
N ALA B 48 -9.88 25.92 20.47
CA ALA B 48 -8.96 26.96 20.91
C ALA B 48 -9.18 27.35 22.37
N LYS B 49 -10.44 27.48 22.77
CA LYS B 49 -10.75 27.94 24.12
C LYS B 49 -10.50 26.88 25.16
N ALA B 50 -10.75 25.62 24.81
CA ALA B 50 -10.49 24.50 25.71
C ALA B 50 -9.01 24.28 25.90
N ALA B 51 -8.23 24.52 24.85
CA ALA B 51 -6.77 24.37 24.91
C ALA B 51 -6.03 25.63 25.36
N GLY B 52 -6.76 26.75 25.50
CA GLY B 52 -6.18 27.99 25.99
C GLY B 52 -5.23 28.65 25.00
N VAL B 53 -5.62 28.68 23.73
CA VAL B 53 -4.83 29.36 22.71
C VAL B 53 -5.70 30.29 21.89
N SER B 54 -5.04 31.20 21.17
CA SER B 54 -5.72 32.10 20.27
C SER B 54 -6.02 31.32 19.04
N LYS B 55 -7.02 31.77 18.31
CA LYS B 55 -7.32 31.18 17.01
C LYS B 55 -6.17 31.34 16.03
N ALA B 56 -5.45 32.46 16.10
CA ALA B 56 -4.27 32.60 15.25
C ALA B 56 -3.32 31.42 15.46
N THR B 57 -3.07 31.11 16.73
CA THR B 57 -2.15 30.06 17.11
C THR B 57 -2.66 28.73 16.62
N LEU B 58 -3.90 28.46 16.94
CA LEU B 58 -4.51 27.20 16.57
C LEU B 58 -4.39 26.94 15.08
N TYR B 59 -4.65 27.96 14.29
CA TYR B 59 -4.70 27.78 12.85
C TYR B 59 -3.32 27.70 12.24
N ALA B 60 -2.34 28.32 12.90
CA ALA B 60 -0.94 28.16 12.50
C ALA B 60 -0.49 26.71 12.58
N TYR B 61 -0.96 25.97 13.59
CA TYR B 61 -0.60 24.57 13.73
C TYR B 61 -1.45 23.72 12.83
N PHE B 62 -2.73 24.05 12.74
CA PHE B 62 -3.65 23.25 11.94
C PHE B 62 -4.46 24.13 11.03
N PRO B 63 -4.28 23.96 9.72
CA PRO B 63 -5.05 24.77 8.79
C PRO B 63 -6.57 24.55 8.83
N SER B 64 -7.02 23.39 9.30
CA SER B 64 -8.45 23.19 9.44
C SER B 64 -8.78 22.09 10.41
N LYS B 65 -10.01 22.13 10.91
CA LYS B 65 -10.54 21.08 11.74
C LYS B 65 -10.31 19.70 11.05
N GLU B 66 -10.50 19.59 9.74
CA GLU B 66 -10.30 18.30 9.05
C GLU B 66 -8.85 17.88 9.17
N ALA B 67 -7.93 18.81 8.95
CA ALA B 67 -6.51 18.53 9.10
C ALA B 67 -6.17 18.11 10.54
N LEU B 68 -6.81 18.73 11.51
CA LEU B 68 -6.58 18.39 12.87
C LEU B 68 -6.94 16.93 13.09
N PHE B 69 -8.11 16.52 12.64
CA PHE B 69 -8.59 15.15 12.90
C PHE B 69 -7.74 14.15 12.14
N ALA B 70 -7.30 14.50 10.95
CA ALA B 70 -6.40 13.66 10.23
C ALA B 70 -5.13 13.41 11.04
N SER B 71 -4.56 14.44 11.68
CA SER B 71 -3.41 14.26 12.55
C SER B 71 -3.68 13.20 13.58
N LEU B 72 -4.83 13.29 14.27
CA LEU B 72 -5.17 12.35 15.33
C LEU B 72 -5.22 10.95 14.74
N ILE B 73 -5.89 10.81 13.61
CA ILE B 73 -6.04 9.53 12.96
C ILE B 73 -4.68 8.95 12.61
N VAL B 74 -3.84 9.65 11.85
CA VAL B 74 -2.57 9.04 11.40
C VAL B 74 -1.70 8.69 12.57
N ALA B 75 -1.65 9.55 13.57
CA ALA B 75 -0.78 9.39 14.71
C ALA B 75 -1.20 8.19 15.52
N GLU B 76 -2.48 8.13 15.86
CA GLU B 76 -2.98 7.03 16.67
C GLU B 76 -2.86 5.74 15.89
N CYS B 77 -3.26 5.74 14.61
CA CYS B 77 -3.17 4.53 13.80
C CYS B 77 -1.73 4.05 13.62
N GLU B 78 -0.76 4.93 13.40
CA GLU B 78 0.64 4.47 13.28
C GLU B 78 1.15 3.86 14.57
N SER B 79 0.73 4.46 15.68
CA SER B 79 1.04 3.98 17.02
C SER B 79 0.56 2.55 17.21
N LEU B 80 -0.71 2.30 16.90
CA LEU B 80 -1.31 0.96 16.98
C LEU B 80 -0.49 -0.02 16.24
N GLN B 81 -0.01 0.40 15.08
CA GLN B 81 0.58 -0.50 14.14
C GLN B 81 1.93 -0.96 14.63
N ARG B 82 2.58 -0.14 15.46
CA ARG B 82 3.84 -0.50 16.13
C ARG B 82 3.64 -1.55 17.26
N ASP B 83 2.49 -1.54 17.93
CA ASP B 83 2.16 -2.50 18.99
C ASP B 83 1.59 -3.79 18.42
N LEU B 84 1.51 -3.93 17.10
CA LEU B 84 1.22 -5.23 16.53
C LEU B 84 2.57 -5.86 16.15
N PRO B 85 2.70 -7.18 16.30
CA PRO B 85 3.97 -7.79 15.89
C PRO B 85 4.12 -7.79 14.35
N VAL B 86 5.33 -8.01 13.86
CA VAL B 86 5.48 -8.40 12.46
C VAL B 86 5.69 -9.89 12.54
N PRO B 87 4.71 -10.65 12.06
CA PRO B 87 4.76 -12.07 12.42
C PRO B 87 5.89 -12.76 11.70
N LYS B 88 6.66 -13.56 12.45
CA LYS B 88 7.76 -14.28 11.89
C LYS B 88 7.41 -15.74 11.74
N LEU B 89 7.66 -16.27 10.56
CA LEU B 89 7.44 -17.66 10.30
C LEU B 89 8.42 -18.57 11.05
N SER B 90 9.59 -18.05 11.40
CA SER B 90 10.54 -18.73 12.27
C SER B 90 9.97 -19.08 13.65
N ALA B 91 9.01 -18.29 14.13
CA ALA B 91 8.37 -18.50 15.44
C ALA B 91 7.46 -19.73 15.50
N GLY B 92 7.11 -20.26 14.33
CA GLY B 92 6.14 -21.33 14.22
C GLY B 92 4.94 -20.67 13.60
N LEU B 93 4.26 -21.38 12.70
CA LEU B 93 3.09 -20.84 12.02
C LEU B 93 1.98 -20.44 13.01
N SER B 94 1.49 -21.41 13.78
CA SER B 94 0.46 -21.17 14.81
C SER B 94 0.82 -20.09 15.80
N GLU B 95 2.02 -20.11 16.34
CA GLU B 95 2.33 -19.22 17.46
C GLU B 95 2.37 -17.81 16.92
N ALA B 96 2.85 -17.67 15.69
CA ALA B 96 2.90 -16.36 15.03
C ALA B 96 1.52 -15.78 14.88
N LEU B 97 0.60 -16.59 14.36
CA LEU B 97 -0.77 -16.18 14.14
C LEU B 97 -1.48 -15.96 15.45
N ARG B 98 -1.19 -16.81 16.40
CA ARG B 98 -1.80 -16.71 17.71
C ARG B 98 -1.35 -15.41 18.36
N ASP B 99 -0.05 -15.10 18.28
CA ASP B 99 0.47 -13.82 18.77
C ASP B 99 -0.25 -12.66 18.12
N PHE B 100 -0.42 -12.73 16.80
CA PHE B 100 -0.94 -11.62 16.02
C PHE B 100 -2.40 -11.38 16.33
N ALA B 101 -3.16 -12.46 16.42
CA ALA B 101 -4.54 -12.38 16.86
C ALA B 101 -4.65 -11.76 18.26
N ARG B 102 -3.81 -12.23 19.18
CA ARG B 102 -3.85 -11.75 20.53
C ARG B 102 -3.70 -10.24 20.57
N GLN B 103 -2.76 -9.73 19.80
CA GLN B 103 -2.45 -8.33 19.88
C GLN B 103 -3.53 -7.57 19.15
N TYR B 104 -4.07 -8.17 18.11
CA TYR B 104 -5.19 -7.59 17.36
C TYR B 104 -6.36 -7.34 18.27
N LEU B 105 -6.72 -8.32 19.08
CA LEU B 105 -7.87 -8.17 19.95
C LEU B 105 -7.58 -7.26 21.09
N HIS B 106 -6.37 -7.26 21.65
CA HIS B 106 -6.05 -6.34 22.75
C HIS B 106 -6.19 -4.96 22.25
N THR B 107 -5.62 -4.67 21.08
CA THR B 107 -5.76 -3.35 20.52
C THR B 107 -7.21 -3.00 20.28
N PHE B 108 -8.04 -3.98 19.93
CA PHE B 108 -9.47 -3.74 19.63
C PHE B 108 -10.17 -3.27 20.87
N ILE B 109 -9.96 -4.02 21.94
CA ILE B 109 -10.61 -3.78 23.19
C ILE B 109 -10.14 -2.46 23.78
N HIS B 110 -8.84 -2.28 23.95
CA HIS B 110 -8.30 -1.18 24.74
C HIS B 110 -7.87 0.05 23.94
N ARG B 111 -8.22 0.15 22.67
CA ARG B 111 -7.78 1.32 21.89
C ARG B 111 -8.88 1.97 21.11
N LYS B 112 -8.48 2.96 20.32
CA LYS B 112 -9.38 3.98 19.88
C LYS B 112 -10.31 3.52 18.76
N ASP B 113 -9.90 2.52 17.99
CA ASP B 113 -10.71 2.05 16.84
C ASP B 113 -12.26 2.13 16.99
N VAL B 114 -12.83 1.64 18.08
CA VAL B 114 -14.27 1.78 18.30
C VAL B 114 -14.68 3.26 18.39
N ALA B 115 -13.94 4.02 19.20
CA ALA B 115 -14.25 5.44 19.39
C ALA B 115 -14.16 6.20 18.07
N PHE B 116 -13.09 5.95 17.31
CA PHE B 116 -12.91 6.58 16.03
C PHE B 116 -14.08 6.28 15.12
N VAL B 117 -14.50 5.02 15.10
CA VAL B 117 -15.54 4.62 14.18
C VAL B 117 -16.84 5.27 14.60
N ARG B 118 -17.16 5.30 15.90
CA ARG B 118 -18.35 6.04 16.36
C ARG B 118 -18.35 7.48 15.87
N ILE B 119 -17.22 8.13 16.06
CA ILE B 119 -17.08 9.52 15.67
C ILE B 119 -17.30 9.76 14.17
N ILE B 120 -16.66 8.94 13.37
CA ILE B 120 -16.79 9.05 11.91
C ILE B 120 -18.16 8.61 11.40
N ALA B 121 -18.72 7.57 12.02
CA ALA B 121 -20.03 7.06 11.65
C ALA B 121 -21.10 8.08 11.95
N ASN B 122 -20.91 8.84 13.04
CA ASN B 122 -21.78 9.96 13.40
C ASN B 122 -21.92 11.06 12.35
N GLU B 123 -20.91 11.19 11.50
CA GLU B 123 -20.90 12.20 10.46
C GLU B 123 -21.77 11.84 9.26
N SER B 124 -22.32 10.63 9.25
CA SER B 124 -23.29 10.26 8.22
C SER B 124 -22.75 10.51 6.82
N GLY B 125 -21.49 10.17 6.59
CA GLY B 125 -20.84 10.30 5.29
C GLY B 125 -20.58 11.70 4.76
N ARG B 126 -20.57 12.72 5.61
CA ARG B 126 -20.11 14.04 5.20
C ARG B 126 -18.61 14.15 4.94
N PHE B 127 -17.81 13.22 5.49
CA PHE B 127 -16.34 13.33 5.40
C PHE B 127 -15.64 12.08 4.87
N PRO B 128 -15.95 11.71 3.62
CA PRO B 128 -15.41 10.48 3.02
C PRO B 128 -13.90 10.38 3.00
N VAL B 129 -13.21 11.50 2.89
CA VAL B 129 -11.75 11.44 2.86
C VAL B 129 -11.20 11.01 4.20
N LEU B 130 -11.74 11.55 5.29
CA LEU B 130 -11.33 11.15 6.64
C LEU B 130 -11.72 9.71 6.91
N ALA B 131 -12.89 9.31 6.42
CA ALA B 131 -13.34 7.96 6.66
C ALA B 131 -12.38 6.99 6.02
N ARG B 132 -12.02 7.27 4.79
CA ARG B 132 -11.12 6.41 4.06
C ARG B 132 -9.70 6.44 4.64
N LEU B 133 -9.31 7.59 5.18
CA LEU B 133 -7.98 7.74 5.76
C LEU B 133 -7.86 6.85 6.97
N PHE B 134 -8.88 6.86 7.81
CA PHE B 134 -8.92 5.95 8.94
C PHE B 134 -8.87 4.49 8.47
N TYR B 135 -9.75 4.13 7.54
CA TYR B 135 -9.80 2.75 7.09
C TYR B 135 -8.42 2.28 6.62
N GLU B 136 -7.81 3.08 5.75
CA GLU B 136 -6.53 2.70 5.16
C GLU B 136 -5.42 2.75 6.17
N SER B 137 -5.54 3.63 7.16
CA SER B 137 -4.48 3.78 8.14
C SER B 137 -4.53 2.75 9.24
N GLY B 138 -5.70 2.15 9.48
CA GLY B 138 -5.86 1.20 10.54
C GLY B 138 -6.24 -0.18 10.04
N PRO B 139 -7.54 -0.49 10.05
CA PRO B 139 -8.06 -1.77 9.58
C PRO B 139 -7.38 -2.33 8.36
N GLU B 140 -7.30 -1.57 7.27
CA GLU B 140 -6.69 -2.10 6.05
C GLU B 140 -5.22 -2.33 6.22
N ALA B 141 -4.58 -1.49 7.02
CA ALA B 141 -3.16 -1.63 7.29
C ALA B 141 -2.88 -2.92 8.02
N THR B 142 -3.78 -3.27 8.94
CA THR B 142 -3.67 -4.53 9.67
C THR B 142 -3.79 -5.69 8.74
N ILE B 143 -4.79 -5.63 7.87
CA ILE B 143 -4.93 -6.65 6.86
C ILE B 143 -3.62 -6.83 6.04
N ARG B 144 -3.03 -5.73 5.57
CA ARG B 144 -1.86 -5.81 4.72
C ARG B 144 -0.69 -6.43 5.43
N ARG B 145 -0.49 -6.12 6.71
CA ARG B 145 0.63 -6.69 7.43
C ARG B 145 0.50 -8.17 7.52
N LEU B 146 -0.68 -8.61 7.91
CA LEU B 146 -0.93 -10.04 8.01
C LEU B 146 -0.83 -10.71 6.64
N ALA B 147 -1.38 -10.06 5.64
CA ALA B 147 -1.30 -10.56 4.29
C ALA B 147 0.13 -10.84 3.84
N GLN B 148 1.06 -9.97 4.19
CA GLN B 148 2.43 -10.20 3.76
C GLN B 148 2.96 -11.42 4.46
N PHE B 149 2.54 -11.61 5.70
CA PHE B 149 2.98 -12.79 6.43
C PHE B 149 2.42 -14.05 5.80
N LEU B 150 1.14 -14.01 5.47
CA LEU B 150 0.49 -15.12 4.84
C LEU B 150 1.10 -15.45 3.47
N GLU B 151 1.55 -14.43 2.74
CA GLU B 151 2.16 -14.65 1.46
C GLU B 151 3.44 -15.51 1.66
N GLU B 152 4.15 -15.25 2.77
CA GLU B 152 5.38 -15.99 3.11
C GLU B 152 5.02 -17.44 3.42
N ALA B 153 3.97 -17.62 4.18
CA ALA B 153 3.56 -18.96 4.57
C ALA B 153 3.15 -19.80 3.36
N ARG B 154 2.48 -19.16 2.40
CA ARG B 154 2.13 -19.84 1.14
C ARG B 154 3.34 -20.16 0.27
N ALA B 155 4.27 -19.21 0.15
CA ALA B 155 5.54 -19.48 -0.49
C ALA B 155 6.25 -20.68 0.12
N ALA B 156 6.14 -20.85 1.44
CA ALA B 156 6.74 -22.02 2.11
C ALA B 156 5.88 -23.29 2.03
N ARG B 157 4.82 -23.26 1.23
CA ARG B 157 3.89 -24.40 1.06
C ARG B 157 3.25 -24.90 2.36
N VAL B 158 3.15 -24.03 3.36
CA VAL B 158 2.63 -24.43 4.67
C VAL B 158 1.16 -23.93 4.89
N LEU B 159 0.71 -23.02 4.00
CA LEU B 159 -0.72 -22.67 3.80
C LEU B 159 -1.07 -22.59 2.32
N GLU B 160 -2.36 -22.72 2.01
CA GLU B 160 -2.91 -22.67 0.65
C GLU B 160 -4.10 -21.73 0.60
N PHE B 161 -4.10 -20.82 -0.37
CA PHE B 161 -5.21 -19.90 -0.61
C PHE B 161 -4.90 -19.04 -1.86
N ASP B 162 -5.94 -18.53 -2.52
CA ASP B 162 -5.76 -17.80 -3.79
C ASP B 162 -5.29 -16.37 -3.62
N ASP B 163 -5.80 -15.69 -2.60
CA ASP B 163 -5.45 -14.28 -2.40
C ASP B 163 -5.05 -13.99 -0.94
N PRO B 164 -3.91 -13.33 -0.74
CA PRO B 164 -3.42 -13.08 0.62
C PRO B 164 -4.22 -12.07 1.42
N GLU B 166 -7.41 -11.36 0.95
CA GLU B 166 -8.66 -12.04 1.21
C GLU B 166 -8.51 -12.98 2.40
N ALA B 167 -7.41 -13.72 2.42
CA ALA B 167 -7.16 -14.66 3.50
C ALA B 167 -6.87 -14.00 4.83
N ALA B 168 -6.18 -12.88 4.80
CA ALA B 168 -6.00 -12.09 6.00
C ALA B 168 -7.33 -11.61 6.55
N ASN B 169 -8.17 -11.06 5.69
CA ASN B 169 -9.45 -10.57 6.12
C ASN B 169 -10.28 -11.70 6.74
N GLN B 170 -10.20 -12.88 6.15
CA GLN B 170 -10.94 -14.03 6.68
C GLN B 170 -10.46 -14.38 8.04
N PHE B 171 -9.16 -14.43 8.20
CA PHE B 171 -8.58 -14.73 9.50
C PHE B 171 -9.06 -13.77 10.59
N LEU B 172 -9.03 -12.47 10.29
CA LEU B 172 -9.40 -11.47 11.28
C LEU B 172 -10.90 -11.54 11.55
N SER B 173 -11.67 -11.74 10.50
CA SER B 173 -13.06 -11.88 10.69
C SER B 173 -13.41 -13.02 11.65
N LEU B 174 -12.69 -14.11 11.57
CA LEU B 174 -13.01 -15.25 12.41
C LEU B 174 -12.68 -14.93 13.83
N VAL B 175 -11.51 -14.35 14.01
CA VAL B 175 -10.97 -14.09 15.32
C VAL B 175 -11.81 -13.03 16.03
N ARG B 176 -12.15 -11.96 15.32
CA ARG B 176 -12.85 -10.87 15.96
C ARG B 176 -14.33 -11.22 16.08
N GLY B 177 -14.82 -12.03 15.16
CA GLY B 177 -16.12 -12.65 15.31
C GLY B 177 -17.21 -11.62 15.50
N GLU B 178 -17.91 -11.72 16.63
CA GLU B 178 -18.97 -10.76 16.94
C GLU B 178 -18.63 -9.88 18.14
N LEU B 179 -17.36 -9.72 18.42
CA LEU B 179 -16.91 -8.94 19.56
C LEU B 179 -17.26 -7.47 19.36
N PRO B 180 -17.13 -6.97 18.14
CA PRO B 180 -17.48 -5.55 17.93
C PRO B 180 -18.91 -5.24 18.36
N LEU B 181 -19.82 -6.13 18.02
CA LEU B 181 -21.21 -5.94 18.40
C LEU B 181 -21.38 -5.97 19.91
N LEU B 182 -20.83 -7.01 20.50
CA LEU B 182 -20.94 -7.17 21.92
C LEU B 182 -20.40 -5.96 22.70
N ILE B 183 -19.29 -5.40 22.23
CA ILE B 183 -18.64 -4.29 22.90
C ILE B 183 -19.54 -3.10 22.83
N VAL B 184 -19.97 -2.81 21.61
CA VAL B 184 -20.89 -1.72 21.38
C VAL B 184 -22.14 -1.81 22.24
N LEU B 185 -22.64 -3.01 22.46
CA LEU B 185 -23.82 -3.19 23.30
C LEU B 185 -23.49 -3.15 24.78
N GLY B 186 -22.20 -3.14 25.08
CA GLY B 186 -21.75 -3.14 26.44
C GLY B 186 -21.87 -4.47 27.10
N LEU B 187 -21.76 -5.55 26.33
CA LEU B 187 -21.86 -6.89 26.89
C LEU B 187 -20.59 -7.67 26.86
N SER B 188 -19.56 -7.14 26.20
CA SER B 188 -18.30 -7.82 26.14
C SER B 188 -17.52 -7.61 27.40
N ASP B 189 -17.14 -8.72 28.02
CA ASP B 189 -16.26 -8.68 29.17
C ASP B 189 -15.23 -9.78 29.07
N LEU B 190 -14.03 -9.42 28.59
CA LEU B 190 -13.06 -10.41 28.23
C LEU B 190 -11.81 -10.47 29.09
N THR B 191 -11.84 -11.42 30.01
CA THR B 191 -10.64 -11.89 30.65
C THR B 191 -9.66 -12.34 29.56
N GLU B 192 -8.39 -12.39 29.93
CA GLU B 192 -7.32 -12.94 29.10
C GLU B 192 -7.62 -14.41 28.69
N GLU B 193 -8.22 -15.21 29.59
CA GLU B 193 -8.59 -16.61 29.28
C GLU B 193 -9.74 -16.69 28.27
N ALA B 194 -10.68 -15.75 28.39
CA ALA B 194 -11.78 -15.63 27.43
C ALA B 194 -11.27 -15.27 26.05
N ILE B 195 -10.30 -14.36 26.00
CA ILE B 195 -9.64 -14.00 24.75
C ILE B 195 -8.90 -15.18 24.12
N GLU B 196 -8.15 -15.94 24.90
CA GLU B 196 -7.44 -17.10 24.37
C GLU B 196 -8.41 -18.04 23.69
N GLN B 197 -9.60 -18.17 24.24
CA GLN B 197 -10.60 -19.09 23.69
C GLN B 197 -11.08 -18.59 22.35
N GLU B 198 -11.26 -17.27 22.23
CA GLU B 198 -11.74 -16.67 20.99
C GLU B 198 -10.74 -16.93 19.91
N ILE B 199 -9.47 -16.76 20.25
CA ILE B 199 -8.41 -16.91 19.30
C ILE B 199 -8.25 -18.35 18.83
N GLU B 200 -8.25 -19.28 19.79
CA GLU B 200 -7.97 -20.67 19.47
C GLU B 200 -9.06 -21.24 18.54
N ALA B 201 -10.30 -20.83 18.77
CA ALA B 201 -11.41 -21.20 17.89
C ALA B 201 -11.21 -20.70 16.48
N GLY B 202 -10.88 -19.43 16.39
CA GLY B 202 -10.69 -18.77 15.09
C GLY B 202 -9.54 -19.36 14.30
N LEU B 203 -8.44 -19.60 15.00
CA LEU B 203 -7.24 -20.13 14.40
C LEU B 203 -7.44 -21.57 13.95
N LYS B 204 -8.03 -22.38 14.82
CA LYS B 204 -8.28 -23.77 14.51
C LYS B 204 -9.01 -23.90 13.18
N PHE B 205 -10.00 -23.04 12.98
CA PHE B 205 -10.85 -23.06 11.79
C PHE B 205 -10.07 -22.61 10.56
N PHE B 206 -9.34 -21.53 10.72
CA PHE B 206 -8.58 -20.96 9.63
C PHE B 206 -7.57 -21.99 9.10
N LEU B 207 -6.90 -22.67 10.01
CA LEU B 207 -5.96 -23.68 9.61
C LEU B 207 -6.65 -24.87 8.97
N LYS B 208 -7.83 -25.20 9.47
CA LYS B 208 -8.58 -26.27 8.91
C LYS B 208 -8.89 -26.00 7.44
N ALA B 209 -8.94 -24.76 7.01
CA ALA B 209 -9.25 -24.45 5.60
C ALA B 209 -8.04 -24.15 4.73
N CYS B 210 -6.91 -23.82 5.34
CA CYS B 210 -5.75 -23.42 4.55
C CYS B 210 -4.55 -24.34 4.70
N GLN B 211 -4.47 -25.10 5.79
CA GLN B 211 -3.42 -26.10 5.90
C GLN B 211 -3.64 -27.10 4.77
N PRO B 212 -2.56 -27.46 4.05
CA PRO B 212 -2.76 -28.46 3.01
C PRO B 212 -3.09 -29.79 3.68
N ARG B 213 -4.25 -30.35 3.31
CA ARG B 213 -4.73 -31.63 3.88
C ARG B 213 -3.81 -32.74 3.31
N ALA B 214 -3.15 -33.46 4.21
CA ALA B 214 -2.02 -34.32 3.83
C ALA B 214 -1.70 -35.32 4.97
N ALA C 19 47.77 -22.12 -24.07
CA ALA C 19 46.83 -21.29 -24.87
C ALA C 19 46.02 -20.30 -24.00
N GLY C 20 46.46 -19.04 -24.06
CA GLY C 20 45.61 -17.86 -23.81
C GLY C 20 44.43 -17.83 -24.76
N ARG C 21 44.38 -18.74 -25.76
CA ARG C 21 43.21 -18.96 -26.65
C ARG C 21 42.21 -20.01 -26.12
N LYS C 22 42.73 -21.03 -25.42
CA LYS C 22 41.87 -22.03 -24.77
C LYS C 22 40.86 -21.28 -23.94
N ASP C 24 39.88 -18.07 -24.22
CA ASP C 24 38.95 -17.15 -24.89
C ASP C 24 37.76 -17.86 -25.47
N ILE C 25 37.96 -19.03 -26.03
CA ILE C 25 36.82 -19.80 -26.53
C ILE C 25 35.84 -20.08 -25.39
N VAL C 26 36.37 -20.33 -24.21
CA VAL C 26 35.56 -20.50 -22.99
C VAL C 26 34.77 -19.24 -22.67
N ILE C 27 35.47 -18.13 -22.58
CA ILE C 27 34.79 -16.86 -22.36
C ILE C 27 33.58 -16.70 -23.29
N ARG C 28 33.80 -16.81 -24.58
CA ARG C 28 32.74 -16.52 -25.53
C ARG C 28 31.58 -17.47 -25.33
N ALA C 29 31.89 -18.72 -25.07
CA ALA C 29 30.86 -19.72 -24.82
C ALA C 29 30.02 -19.39 -23.60
N ALA C 30 30.68 -18.91 -22.56
CA ALA C 30 30.03 -18.56 -21.31
C ALA C 30 29.15 -17.34 -21.46
N TRP C 31 29.63 -16.31 -22.15
CA TRP C 31 28.77 -15.15 -22.48
C TRP C 31 27.51 -15.64 -23.15
N GLN C 32 27.67 -16.44 -24.20
CA GLN C 32 26.54 -16.89 -24.99
C GLN C 32 25.50 -17.52 -24.07
N LEU C 33 25.93 -18.32 -23.10
CA LEU C 33 24.97 -18.99 -22.23
C LEU C 33 24.36 -18.05 -21.21
N PHE C 34 25.18 -17.21 -20.62
CA PHE C 34 24.66 -16.24 -19.67
C PHE C 34 23.59 -15.38 -20.31
N LEU C 35 23.77 -15.02 -21.59
CA LEU C 35 22.79 -14.17 -22.27
C LEU C 35 21.51 -14.93 -22.50
N GLU C 36 21.65 -16.16 -22.99
CA GLU C 36 20.50 -16.96 -23.35
C GLU C 36 19.71 -17.38 -22.13
N GLN C 37 20.39 -17.72 -21.04
CA GLN C 37 19.76 -18.40 -19.91
C GLN C 37 19.91 -17.75 -18.55
N GLY C 38 20.81 -16.77 -18.44
CA GLY C 38 21.12 -16.21 -17.15
C GLY C 38 22.31 -16.87 -16.53
N PHE C 39 22.80 -16.28 -15.47
CA PHE C 39 23.99 -16.74 -14.79
C PHE C 39 23.73 -18.01 -14.02
N SER C 40 22.81 -17.95 -13.08
CA SER C 40 22.50 -19.09 -12.21
C SER C 40 22.02 -20.33 -13.00
N ALA C 41 21.30 -20.14 -14.09
CA ALA C 41 20.82 -21.28 -14.87
C ALA C 41 21.90 -21.90 -15.77
N THR C 42 23.12 -21.40 -15.72
CA THR C 42 24.18 -21.89 -16.59
C THR C 42 25.20 -22.61 -15.73
N SER C 43 25.51 -23.86 -16.06
CA SER C 43 26.42 -24.67 -15.25
C SER C 43 27.80 -24.78 -15.88
N ASP C 45 29.39 -27.22 -16.18
CA ASP C 45 29.31 -28.39 -17.03
C ASP C 45 28.92 -28.01 -18.46
N ALA C 46 27.86 -27.20 -18.58
CA ALA C 46 27.37 -26.76 -19.88
C ALA C 46 28.40 -25.91 -20.61
N ILE C 47 29.13 -25.11 -19.83
CA ILE C 47 30.15 -24.23 -20.39
C ILE C 47 31.27 -25.07 -20.98
N ALA C 48 31.79 -26.02 -20.21
CA ALA C 48 32.85 -26.89 -20.71
C ALA C 48 32.45 -27.52 -22.02
N LYS C 49 31.20 -27.98 -22.10
CA LYS C 49 30.75 -28.74 -23.28
C LYS C 49 30.53 -27.85 -24.47
N ALA C 50 30.07 -26.62 -24.22
CA ALA C 50 29.88 -25.64 -25.30
C ALA C 50 31.21 -25.15 -25.85
N ALA C 51 32.20 -25.06 -24.98
CA ALA C 51 33.54 -24.63 -25.39
C ALA C 51 34.43 -25.78 -25.85
N GLY C 52 33.99 -27.02 -25.67
CA GLY C 52 34.77 -28.17 -26.11
C GLY C 52 36.04 -28.42 -25.30
N VAL C 53 35.92 -28.32 -23.97
CA VAL C 53 37.03 -28.66 -23.08
C VAL C 53 36.59 -29.61 -21.98
N SER C 54 37.58 -30.22 -21.35
CA SER C 54 37.32 -31.05 -20.20
C SER C 54 37.10 -30.17 -19.01
N LYS C 55 36.38 -30.69 -18.02
CA LYS C 55 36.20 -29.97 -16.78
C LYS C 55 37.53 -29.70 -16.10
N ALA C 56 38.48 -30.61 -16.22
CA ALA C 56 39.79 -30.38 -15.61
C ALA C 56 40.39 -29.10 -16.16
N THR C 57 40.29 -28.96 -17.48
CA THR C 57 40.83 -27.80 -18.19
C THR C 57 40.10 -26.53 -17.78
N LEU C 58 38.78 -26.58 -17.83
CA LEU C 58 37.98 -25.45 -17.47
C LEU C 58 38.33 -24.94 -16.09
N TYR C 59 38.48 -25.85 -15.14
CA TYR C 59 38.62 -25.44 -13.75
C TYR C 59 40.03 -25.00 -13.45
N ALA C 60 41.00 -25.49 -14.23
CA ALA C 60 42.35 -24.97 -14.18
C ALA C 60 42.43 -23.50 -14.52
N TYR C 61 41.62 -23.04 -15.47
CA TYR C 61 41.60 -21.60 -15.81
C TYR C 61 40.74 -20.84 -14.87
N PHE C 62 39.60 -21.41 -14.49
CA PHE C 62 38.67 -20.69 -13.64
C PHE C 62 38.24 -21.52 -12.47
N PRO C 63 38.55 -21.07 -11.25
CA PRO C 63 38.23 -21.86 -10.08
C PRO C 63 36.73 -21.97 -9.82
N SER C 64 35.94 -21.05 -10.36
CA SER C 64 34.50 -21.15 -10.21
C SER C 64 33.74 -20.35 -11.22
N LYS C 65 32.49 -20.71 -11.40
CA LYS C 65 31.59 -19.95 -12.24
C LYS C 65 31.58 -18.46 -11.86
N GLU C 66 31.60 -18.14 -10.57
CA GLU C 66 31.68 -16.74 -10.13
C GLU C 66 32.94 -16.08 -10.69
N ALA C 67 34.06 -16.74 -10.52
CA ALA C 67 35.32 -16.23 -11.03
C ALA C 67 35.27 -16.05 -12.54
N LEU C 68 34.59 -16.96 -13.22
CA LEU C 68 34.48 -16.83 -14.64
C LEU C 68 33.75 -15.58 -15.03
N PHE C 69 32.64 -15.30 -14.38
CA PHE C 69 31.84 -14.10 -14.68
C PHE C 69 32.60 -12.85 -14.30
N ALA C 70 33.38 -12.91 -13.24
CA ALA C 70 34.24 -11.79 -12.90
C ALA C 70 35.23 -11.44 -14.02
N SER C 71 35.84 -12.44 -14.62
CA SER C 71 36.70 -12.18 -15.79
C SER C 71 35.96 -11.46 -16.89
N LEU C 72 34.73 -11.85 -17.15
CA LEU C 72 33.96 -11.19 -18.19
C LEU C 72 33.67 -9.77 -17.86
N ILE C 73 33.28 -9.55 -16.62
CA ILE C 73 33.03 -8.23 -16.16
C ILE C 73 34.26 -7.34 -16.32
N VAL C 74 35.40 -7.75 -15.79
CA VAL C 74 36.57 -6.93 -15.87
C VAL C 74 36.93 -6.61 -17.32
N ALA C 75 36.82 -7.62 -18.17
CA ALA C 75 37.22 -7.52 -19.59
C ALA C 75 36.28 -6.57 -20.31
N GLU C 76 34.99 -6.75 -20.08
CA GLU C 76 33.99 -5.95 -20.75
C GLU C 76 34.02 -4.53 -20.26
N CYS C 77 34.12 -4.36 -18.96
CA CYS C 77 34.23 -3.03 -18.40
C CYS C 77 35.50 -2.30 -18.88
N GLU C 78 36.65 -2.96 -18.98
CA GLU C 78 37.83 -2.27 -19.48
C GLU C 78 37.67 -1.85 -20.92
N SER C 79 37.01 -2.69 -21.68
CA SER C 79 36.68 -2.43 -23.07
C SER C 79 35.85 -1.17 -23.24
N LEU C 80 34.77 -1.08 -22.47
CA LEU C 80 33.90 0.10 -22.46
C LEU C 80 34.66 1.38 -22.07
N GLN C 81 35.65 1.26 -21.22
CA GLN C 81 36.40 2.42 -20.76
C GLN C 81 37.35 2.97 -21.83
N ARG C 82 37.76 2.11 -22.76
CA ARG C 82 38.56 2.53 -23.92
C ARG C 82 37.73 3.34 -24.95
N ASP C 83 36.43 3.12 -24.99
CA ASP C 83 35.52 4.02 -25.75
C ASP C 83 35.36 5.51 -25.26
N LEU C 84 35.87 5.83 -24.07
CA LEU C 84 35.81 7.20 -23.56
C LEU C 84 37.17 7.91 -23.70
N PRO C 85 37.18 9.25 -23.96
CA PRO C 85 38.46 9.94 -24.00
C PRO C 85 39.14 10.08 -22.63
N VAL C 86 40.41 10.45 -22.64
CA VAL C 86 41.06 11.01 -21.45
C VAL C 86 41.06 12.54 -21.59
N PRO C 87 40.23 13.22 -20.80
CA PRO C 87 40.07 14.63 -21.12
C PRO C 87 41.33 15.42 -20.84
N LYS C 88 41.73 16.26 -21.80
CA LYS C 88 42.92 17.10 -21.65
C LYS C 88 42.51 18.53 -21.38
N LEU C 89 43.09 19.11 -20.33
CA LEU C 89 42.84 20.50 -20.00
C LEU C 89 43.44 21.48 -21.04
N SER C 90 44.49 21.05 -21.75
CA SER C 90 45.03 21.78 -22.90
C SER C 90 43.99 22.06 -24.00
N ALA C 91 42.99 21.18 -24.14
CA ALA C 91 41.95 21.28 -25.17
C ALA C 91 40.99 22.42 -24.92
N GLY C 92 41.01 22.95 -23.70
CA GLY C 92 40.04 23.93 -23.26
C GLY C 92 39.16 23.19 -22.29
N LEU C 93 38.75 23.87 -21.23
CA LEU C 93 37.92 23.24 -20.20
C LEU C 93 36.59 22.73 -20.75
N SER C 94 35.80 23.64 -21.29
CA SER C 94 34.53 23.30 -21.91
C SER C 94 34.63 22.22 -22.96
N GLU C 95 35.57 22.32 -23.88
CA GLU C 95 35.57 21.42 -25.03
C GLU C 95 35.92 20.01 -24.56
N ALA C 96 36.79 19.93 -23.55
CA ALA C 96 37.15 18.67 -22.95
C ALA C 96 35.97 17.99 -22.34
N LEU C 97 35.21 18.76 -21.54
CA LEU C 97 34.02 18.24 -20.85
C LEU C 97 32.94 17.93 -21.86
N ARG C 98 32.81 18.78 -22.86
CA ARG C 98 31.82 18.59 -23.89
C ARG C 98 32.11 17.30 -24.64
N ASP C 99 33.36 17.09 -25.02
CA ASP C 99 33.74 15.84 -25.63
C ASP C 99 33.43 14.62 -24.76
N PHE C 100 33.73 14.72 -23.47
CA PHE C 100 33.58 13.58 -22.56
C PHE C 100 32.13 13.26 -22.39
N ALA C 101 31.32 14.29 -22.23
CA ALA C 101 29.87 14.14 -22.15
C ALA C 101 29.31 13.48 -23.40
N ARG C 102 29.75 13.95 -24.56
CA ARG C 102 29.28 13.41 -25.82
C ARG C 102 29.54 11.90 -25.90
N GLN C 103 30.72 11.45 -25.49
CA GLN C 103 31.05 10.04 -25.57
C GLN C 103 30.32 9.27 -24.50
N TYR C 104 30.16 9.88 -23.34
CA TYR C 104 29.42 9.30 -22.27
C TYR C 104 28.01 8.93 -22.73
N LEU C 105 27.33 9.86 -23.40
CA LEU C 105 25.96 9.63 -23.83
C LEU C 105 25.87 8.66 -24.97
N HIS C 106 26.87 8.61 -25.84
CA HIS C 106 26.86 7.59 -26.87
C HIS C 106 26.66 6.19 -26.23
N THR C 107 27.21 5.95 -25.04
CA THR C 107 27.06 4.65 -24.43
C THR C 107 25.62 4.33 -24.09
N PHE C 108 24.86 5.33 -23.68
CA PHE C 108 23.46 5.10 -23.35
C PHE C 108 22.62 4.86 -24.59
N ILE C 109 22.85 5.66 -25.60
CA ILE C 109 22.06 5.60 -26.82
C ILE C 109 22.24 4.27 -27.51
N HIS C 110 23.49 3.84 -27.68
CA HIS C 110 23.77 2.57 -28.35
C HIS C 110 23.82 1.40 -27.37
N ARG C 111 23.28 1.60 -26.16
CA ARG C 111 22.84 0.50 -25.30
C ARG C 111 23.96 -0.48 -25.11
N LYS C 112 25.14 0.07 -24.86
CA LYS C 112 26.36 -0.70 -24.81
C LYS C 112 26.41 -1.53 -23.56
N ASP C 113 25.72 -1.15 -22.50
CA ASP C 113 25.85 -1.99 -21.31
C ASP C 113 24.54 -2.67 -20.87
N VAL C 114 23.53 -2.61 -21.73
CA VAL C 114 22.20 -3.07 -21.36
C VAL C 114 22.11 -4.58 -21.12
N ALA C 115 22.61 -5.37 -22.06
CA ALA C 115 22.59 -6.82 -21.90
C ALA C 115 23.36 -7.26 -20.65
N PHE C 116 24.53 -6.67 -20.45
CA PHE C 116 25.33 -6.96 -19.27
C PHE C 116 24.59 -6.68 -17.96
N VAL C 117 23.93 -5.55 -17.88
CA VAL C 117 23.24 -5.16 -16.63
C VAL C 117 22.00 -6.00 -16.40
N ARG C 118 21.30 -6.32 -17.48
CA ARG C 118 20.18 -7.20 -17.36
C ARG C 118 20.58 -8.52 -16.72
N ILE C 119 21.75 -9.09 -17.07
CA ILE C 119 22.16 -10.34 -16.47
C ILE C 119 22.32 -10.26 -14.95
N ILE C 120 23.00 -9.21 -14.49
CA ILE C 120 23.19 -9.05 -13.05
C ILE C 120 21.88 -8.72 -12.34
N ALA C 121 21.11 -7.87 -12.97
CA ALA C 121 19.86 -7.42 -12.38
C ALA C 121 18.92 -8.57 -12.21
N ASN C 122 18.98 -9.50 -13.16
CA ASN C 122 18.13 -10.68 -13.19
C ASN C 122 18.43 -11.66 -12.04
N GLU C 123 19.59 -11.51 -11.41
CA GLU C 123 19.95 -12.35 -10.27
C GLU C 123 19.29 -11.85 -8.97
N SER C 124 18.61 -10.69 -9.01
CA SER C 124 17.82 -10.21 -7.87
C SER C 124 18.65 -10.14 -6.60
N GLY C 125 19.88 -9.63 -6.71
CA GLY C 125 20.81 -9.51 -5.58
C GLY C 125 21.32 -10.78 -4.89
N ARG C 126 21.27 -11.95 -5.54
CA ARG C 126 21.97 -13.14 -5.04
C ARG C 126 23.51 -13.04 -5.13
N PHE C 127 24.05 -12.13 -5.93
CA PHE C 127 25.50 -12.04 -6.13
C PHE C 127 26.07 -10.63 -5.94
N PRO C 128 25.94 -10.08 -4.73
CA PRO C 128 26.33 -8.72 -4.47
C PRO C 128 27.79 -8.40 -4.79
N VAL C 129 28.69 -9.38 -4.66
CA VAL C 129 30.10 -9.12 -4.90
C VAL C 129 30.34 -8.86 -6.40
N LEU C 130 29.72 -9.67 -7.24
CA LEU C 130 29.77 -9.46 -8.68
C LEU C 130 29.08 -8.18 -9.10
N ALA C 131 27.95 -7.87 -8.46
CA ALA C 131 27.26 -6.62 -8.77
C ALA C 131 28.18 -5.42 -8.45
N ARG C 132 28.81 -5.42 -7.30
CA ARG C 132 29.70 -4.33 -6.90
C ARG C 132 30.96 -4.29 -7.79
N LEU C 133 31.41 -5.44 -8.26
CA LEU C 133 32.60 -5.49 -9.07
C LEU C 133 32.30 -4.81 -10.38
N PHE C 134 31.12 -5.08 -10.94
CA PHE C 134 30.67 -4.38 -12.13
C PHE C 134 30.60 -2.87 -11.86
N TYR C 135 29.92 -2.48 -10.80
CA TYR C 135 29.73 -1.08 -10.52
C TYR C 135 31.09 -0.41 -10.48
N GLU C 136 32.01 -0.96 -9.71
CA GLU C 136 33.32 -0.35 -9.51
C GLU C 136 34.14 -0.40 -10.78
N SER C 137 33.94 -1.40 -11.60
CA SER C 137 34.76 -1.55 -12.81
C SER C 137 34.24 -0.71 -14.00
N GLY C 138 32.97 -0.31 -13.97
CA GLY C 138 32.37 0.51 -15.02
C GLY C 138 31.91 1.91 -14.57
N PRO C 139 30.64 2.07 -14.24
CA PRO C 139 30.07 3.30 -13.77
C PRO C 139 30.98 4.08 -12.85
N GLU C 140 31.46 3.47 -11.77
CA GLU C 140 32.27 4.22 -10.82
C GLU C 140 33.61 4.56 -11.46
N ALA C 141 34.08 3.72 -12.36
CA ALA C 141 35.35 3.98 -13.09
C ALA C 141 35.23 5.21 -13.97
N THR C 142 34.05 5.40 -14.59
CA THR C 142 33.77 6.61 -15.35
C THR C 142 33.85 7.84 -14.45
N ILE C 143 33.20 7.76 -13.30
CA ILE C 143 33.30 8.84 -12.31
C ILE C 143 34.74 9.14 -11.96
N ARG C 144 35.53 8.12 -11.68
CA ARG C 144 36.93 8.33 -11.28
C ARG C 144 37.79 8.96 -12.37
N ARG C 145 37.59 8.59 -13.65
CA ARG C 145 38.33 9.22 -14.75
C ARG C 145 38.06 10.69 -14.77
N LEU C 146 36.79 11.04 -14.73
CA LEU C 146 36.39 12.43 -14.81
C LEU C 146 36.90 13.16 -13.58
N ALA C 147 36.79 12.51 -12.42
CA ALA C 147 37.24 13.12 -11.17
C ALA C 147 38.69 13.52 -11.22
N GLN C 148 39.53 12.71 -11.84
CA GLN C 148 40.94 13.04 -11.88
C GLN C 148 41.13 14.21 -12.81
N PHE C 149 40.32 14.33 -13.84
CA PHE C 149 40.37 15.52 -14.72
C PHE C 149 39.92 16.76 -13.99
N LEU C 150 38.84 16.65 -13.23
CA LEU C 150 38.35 17.76 -12.41
C LEU C 150 39.33 18.19 -11.33
N GLU C 151 40.07 17.25 -10.78
CA GLU C 151 41.08 17.57 -9.79
C GLU C 151 42.18 18.48 -10.40
N GLU C 152 42.51 18.21 -11.66
CA GLU C 152 43.47 19.07 -12.40
C GLU C 152 42.90 20.47 -12.61
N ALA C 153 41.64 20.53 -13.01
CA ALA C 153 41.00 21.81 -13.28
C ALA C 153 40.95 22.67 -12.02
N ARG C 154 40.69 22.06 -10.87
CA ARG C 154 40.72 22.78 -9.60
C ARG C 154 42.11 23.24 -9.23
N ALA C 155 43.11 22.39 -9.41
CA ALA C 155 44.50 22.76 -9.21
C ALA C 155 44.86 23.96 -10.06
N ALA C 156 44.30 24.04 -11.26
CA ALA C 156 44.54 25.20 -12.15
C ALA C 156 43.64 26.42 -11.83
N ARG C 157 42.92 26.38 -10.71
CA ARG C 157 42.02 27.45 -10.28
C ARG C 157 40.95 27.83 -11.31
N VAL C 158 40.58 26.91 -12.20
CA VAL C 158 39.54 27.17 -13.22
C VAL C 158 38.16 26.55 -12.87
N LEU C 159 38.14 25.67 -11.88
CA LEU C 159 36.93 25.22 -11.21
C LEU C 159 37.12 25.17 -9.70
N GLU C 160 35.99 25.20 -8.99
CA GLU C 160 35.95 25.23 -7.53
C GLU C 160 34.88 24.25 -6.99
N PHE C 161 35.29 23.40 -6.05
CA PHE C 161 34.43 22.40 -5.44
C PHE C 161 35.20 21.65 -4.35
N ASP C 162 34.48 21.09 -3.37
CA ASP C 162 35.13 20.41 -2.23
C ASP C 162 35.61 19.01 -2.57
N ASP C 163 34.84 18.24 -3.35
CA ASP C 163 35.14 16.82 -3.60
C ASP C 163 35.07 16.50 -5.08
N PRO C 164 36.14 15.92 -5.63
CA PRO C 164 36.19 15.67 -7.06
C PRO C 164 35.23 14.57 -7.53
N GLU C 166 32.42 13.66 -6.05
CA GLU C 166 31.09 14.25 -5.93
C GLU C 166 30.79 15.12 -7.12
N ALA C 167 31.75 15.94 -7.50
CA ALA C 167 31.58 16.84 -8.62
C ALA C 167 31.45 16.10 -9.94
N ALA C 168 32.20 15.01 -10.10
CA ALA C 168 32.10 14.20 -11.30
C ALA C 168 30.72 13.60 -11.39
N ASN C 169 30.28 13.03 -10.29
CA ASN C 169 28.96 12.45 -10.26
C ASN C 169 27.88 13.48 -10.61
N GLN C 170 28.03 14.69 -10.10
CA GLN C 170 27.08 15.74 -10.38
C GLN C 170 27.05 16.05 -11.87
N PHE C 171 28.23 16.21 -12.44
CA PHE C 171 28.33 16.52 -13.85
C PHE C 171 27.59 15.51 -14.69
N LEU C 172 27.84 14.23 -14.38
CA LEU C 172 27.27 13.15 -15.18
C LEU C 172 25.77 13.11 -14.96
N SER C 173 25.36 13.27 -13.71
CA SER C 173 23.94 13.27 -13.41
C SER C 173 23.19 14.36 -14.22
N LEU C 174 23.81 15.52 -14.40
CA LEU C 174 23.15 16.58 -15.12
C LEU C 174 23.04 16.27 -16.58
N VAL C 175 24.15 15.81 -17.14
CA VAL C 175 24.25 15.53 -18.55
C VAL C 175 23.33 14.40 -18.95
N ARG C 176 23.34 13.33 -18.16
CA ARG C 176 22.58 12.18 -18.51
C ARG C 176 21.11 12.40 -18.20
N GLY C 177 20.85 13.16 -17.16
CA GLY C 177 19.50 13.65 -16.91
C GLY C 177 18.55 12.49 -16.83
N GLU C 178 17.53 12.50 -17.68
CA GLU C 178 16.56 11.41 -17.68
C GLU C 178 16.59 10.62 -18.98
N LEU C 179 17.72 10.67 -19.69
CA LEU C 179 17.86 9.94 -20.95
C LEU C 179 17.89 8.45 -20.74
N PRO C 180 18.63 7.98 -19.73
CA PRO C 180 18.59 6.52 -19.49
C PRO C 180 17.18 5.97 -19.40
N LEU C 181 16.32 6.68 -18.68
CA LEU C 181 14.97 6.24 -18.48
C LEU C 181 14.25 6.21 -19.82
N LEU C 182 14.36 7.30 -20.55
CA LEU C 182 13.65 7.43 -21.81
C LEU C 182 14.07 6.34 -22.82
N ILE C 183 15.35 6.02 -22.84
CA ILE C 183 15.87 5.04 -23.75
C ILE C 183 15.32 3.68 -23.39
N VAL C 184 15.49 3.30 -22.14
CA VAL C 184 14.95 2.08 -21.61
C VAL C 184 13.43 1.92 -21.90
N LEU C 185 12.66 3.00 -21.86
CA LEU C 185 11.25 2.91 -22.15
C LEU C 185 10.97 2.89 -23.65
N GLY C 186 12.01 3.12 -24.43
CA GLY C 186 11.89 3.19 -25.87
C GLY C 186 11.26 4.48 -26.32
N LEU C 187 11.45 5.56 -25.60
CA LEU C 187 10.90 6.85 -26.01
C LEU C 187 11.93 7.83 -26.49
N SER C 188 13.21 7.50 -26.30
CA SER C 188 14.26 8.42 -26.70
C SER C 188 14.55 8.26 -28.17
N ASP C 189 14.55 9.38 -28.88
CA ASP C 189 15.11 9.42 -30.22
C ASP C 189 15.94 10.70 -30.40
N LEU C 190 17.25 10.52 -30.34
CA LEU C 190 18.14 11.65 -30.27
C LEU C 190 18.96 11.85 -31.52
N THR C 191 18.52 12.84 -32.32
CA THR C 191 19.34 13.46 -33.35
C THR C 191 20.62 14.04 -32.66
N GLU C 192 21.67 14.21 -33.46
CA GLU C 192 22.94 14.80 -32.98
C GLU C 192 22.70 16.15 -32.35
N GLU C 193 21.81 16.94 -32.96
CA GLU C 193 21.48 18.26 -32.45
C GLU C 193 20.80 18.17 -31.11
N ALA C 194 19.94 17.17 -30.95
CA ALA C 194 19.24 16.95 -29.69
C ALA C 194 20.23 16.60 -28.59
N ILE C 195 21.23 15.78 -28.93
CA ILE C 195 22.27 15.42 -27.98
C ILE C 195 23.09 16.62 -27.57
N GLU C 196 23.48 17.45 -28.54
CA GLU C 196 24.26 18.66 -28.23
C GLU C 196 23.51 19.54 -27.26
N GLN C 197 22.19 19.59 -27.40
CA GLN C 197 21.36 20.42 -26.51
C GLN C 197 21.38 19.87 -25.11
N GLU C 198 21.36 18.54 -24.96
CA GLU C 198 21.39 17.91 -23.63
C GLU C 198 22.66 18.26 -22.94
N ILE C 199 23.76 18.16 -23.68
CA ILE C 199 25.08 18.38 -23.15
C ILE C 199 25.25 19.83 -22.75
N GLU C 200 24.87 20.73 -23.64
CA GLU C 200 25.13 22.14 -23.44
C GLU C 200 24.37 22.64 -22.19
N ALA C 201 23.16 22.13 -21.98
CA ALA C 201 22.35 22.46 -20.80
C ALA C 201 23.05 22.01 -19.54
N GLY C 202 23.50 20.76 -19.56
CA GLY C 202 24.14 20.16 -18.41
C GLY C 202 25.44 20.82 -18.05
N LEU C 203 26.23 21.09 -19.08
CA LEU C 203 27.51 21.75 -18.91
C LEU C 203 27.34 23.22 -18.41
N LYS C 204 26.42 23.95 -19.04
CA LYS C 204 26.17 25.34 -18.67
C LYS C 204 25.89 25.47 -17.17
N PHE C 205 25.08 24.55 -16.66
CA PHE C 205 24.67 24.52 -15.26
C PHE C 205 25.83 24.16 -14.35
N PHE C 206 26.57 23.14 -14.76
CA PHE C 206 27.72 22.70 -13.99
C PHE C 206 28.73 23.82 -13.81
N LEU C 207 28.99 24.52 -14.90
CA LEU C 207 29.95 25.61 -14.87
C LEU C 207 29.40 26.76 -14.04
N LYS C 208 28.10 26.95 -14.10
CA LYS C 208 27.46 27.97 -13.29
C LYS C 208 27.64 27.73 -11.79
N ALA C 209 27.87 26.49 -11.37
CA ALA C 209 28.09 26.20 -9.96
C ALA C 209 29.56 26.06 -9.57
N CYS C 210 30.45 25.81 -10.53
CA CYS C 210 31.86 25.55 -10.19
C CYS C 210 32.84 26.55 -10.74
N GLN C 211 32.50 27.26 -11.81
CA GLN C 211 33.36 28.35 -12.26
C GLN C 211 33.45 29.36 -11.14
N PRO C 212 34.67 29.81 -10.80
CA PRO C 212 34.77 30.81 -9.74
C PRO C 212 34.14 32.11 -10.21
N ARG C 213 33.16 32.58 -9.44
CA ARG C 213 32.51 33.86 -9.65
C ARG C 213 33.55 34.92 -9.24
N ALA C 214 34.38 34.55 -8.25
CA ALA C 214 35.66 35.24 -7.93
C ALA C 214 35.55 36.75 -7.59
N ALA D 19 -18.32 -3.69 -10.59
CA ALA D 19 -17.13 -3.29 -9.77
C ALA D 19 -17.33 -3.55 -8.27
N GLY D 20 -16.77 -4.66 -7.80
CA GLY D 20 -16.45 -4.83 -6.41
C GLY D 20 -15.13 -5.57 -6.19
N ARG D 21 -15.18 -6.71 -5.53
CA ARG D 21 -14.01 -7.22 -4.85
C ARG D 21 -13.05 -7.87 -5.81
N LYS D 22 -13.60 -8.56 -6.80
CA LYS D 22 -12.81 -9.30 -7.74
C LYS D 22 -12.05 -8.36 -8.65
N ASP D 24 -10.17 -5.85 -7.53
CA ASP D 24 -8.88 -5.66 -6.88
C ASP D 24 -8.11 -6.95 -6.83
N ILE D 25 -8.78 -8.06 -6.61
CA ILE D 25 -8.11 -9.35 -6.58
C ILE D 25 -7.44 -9.57 -7.92
N VAL D 26 -8.12 -9.15 -8.98
CA VAL D 26 -7.58 -9.22 -10.33
C VAL D 26 -6.33 -8.35 -10.46
N ILE D 27 -6.42 -7.08 -10.12
CA ILE D 27 -5.24 -6.21 -10.12
C ILE D 27 -4.02 -6.89 -9.43
N ARG D 28 -4.18 -7.36 -8.21
CA ARG D 28 -3.07 -7.90 -7.46
C ARG D 28 -2.51 -9.11 -8.18
N ALA D 29 -3.38 -9.96 -8.69
CA ALA D 29 -2.96 -11.17 -9.42
C ALA D 29 -2.15 -10.82 -10.65
N ALA D 30 -2.58 -9.79 -11.36
CA ALA D 30 -1.95 -9.36 -12.56
C ALA D 30 -0.58 -8.76 -12.26
N TRP D 31 -0.50 -7.91 -11.28
CA TRP D 31 0.76 -7.33 -10.89
C TRP D 31 1.76 -8.44 -10.55
N GLN D 32 1.33 -9.42 -9.76
CA GLN D 32 2.17 -10.53 -9.39
C GLN D 32 2.77 -11.19 -10.64
N LEU D 33 1.96 -11.40 -11.68
CA LEU D 33 2.41 -12.10 -12.85
C LEU D 33 3.31 -11.23 -13.68
N PHE D 34 2.92 -9.97 -13.85
CA PHE D 34 3.75 -9.04 -14.61
C PHE D 34 5.14 -8.95 -14.02
N LEU D 35 5.25 -9.00 -12.70
CA LEU D 35 6.58 -8.94 -12.08
C LEU D 35 7.36 -10.17 -12.35
N GLU D 36 6.73 -11.31 -12.15
CA GLU D 36 7.42 -12.58 -12.24
C GLU D 36 7.80 -12.85 -13.67
N GLN D 37 6.96 -12.51 -14.63
CA GLN D 37 7.11 -12.98 -16.00
C GLN D 37 7.17 -11.93 -17.09
N GLY D 38 6.83 -10.70 -16.78
CA GLY D 38 6.71 -9.71 -17.81
C GLY D 38 5.30 -9.59 -18.33
N PHE D 39 5.07 -8.54 -19.09
CA PHE D 39 3.72 -8.18 -19.56
C PHE D 39 3.27 -9.13 -20.65
N SER D 40 4.00 -9.19 -21.76
CA SER D 40 3.65 -10.05 -22.89
C SER D 40 3.58 -11.52 -22.54
N ALA D 41 4.42 -11.97 -21.61
CA ALA D 41 4.41 -13.37 -21.23
C ALA D 41 3.29 -13.71 -20.26
N THR D 42 2.41 -12.75 -19.97
CA THR D 42 1.30 -12.96 -19.07
C THR D 42 0.03 -12.82 -19.86
N SER D 43 -0.78 -13.85 -19.85
CA SER D 43 -2.00 -13.84 -20.66
C SER D 43 -3.20 -13.53 -19.81
N ASP D 45 -5.74 -15.04 -19.92
CA ASP D 45 -6.13 -16.35 -19.48
C ASP D 45 -5.53 -16.68 -18.11
N ALA D 46 -4.23 -16.50 -17.99
CA ALA D 46 -3.54 -16.81 -16.74
C ALA D 46 -4.04 -15.94 -15.61
N ILE D 47 -4.35 -14.69 -15.96
CA ILE D 47 -4.78 -13.74 -14.98
C ILE D 47 -6.13 -14.15 -14.43
N ALA D 48 -7.08 -14.44 -15.31
CA ALA D 48 -8.40 -14.92 -14.89
C ALA D 48 -8.29 -16.12 -13.95
N LYS D 49 -7.41 -17.04 -14.25
CA LYS D 49 -7.33 -18.26 -13.46
C LYS D 49 -6.68 -18.01 -12.12
N ALA D 50 -5.71 -17.10 -12.08
CA ALA D 50 -5.00 -16.77 -10.84
C ALA D 50 -5.90 -16.01 -9.92
N ALA D 51 -6.76 -15.20 -10.51
CA ALA D 51 -7.70 -14.39 -9.73
C ALA D 51 -9.03 -15.09 -9.46
N GLY D 52 -9.24 -16.26 -10.08
CA GLY D 52 -10.43 -17.06 -9.82
C GLY D 52 -11.69 -16.48 -10.41
N VAL D 53 -11.61 -16.00 -11.64
CA VAL D 53 -12.77 -15.46 -12.31
C VAL D 53 -12.88 -16.05 -13.68
N SER D 54 -14.06 -15.89 -14.26
CA SER D 54 -14.29 -16.30 -15.62
C SER D 54 -13.72 -15.23 -16.52
N LYS D 55 -13.38 -15.62 -17.74
CA LYS D 55 -12.95 -14.64 -18.73
C LYS D 55 -14.05 -13.61 -19.03
N ALA D 56 -15.30 -13.99 -18.98
CA ALA D 56 -16.38 -13.01 -19.15
C ALA D 56 -16.26 -11.90 -18.13
N THR D 57 -16.05 -12.30 -16.87
CA THR D 57 -15.95 -11.37 -15.73
C THR D 57 -14.73 -10.47 -15.93
N LEU D 58 -13.60 -11.10 -16.20
CA LEU D 58 -12.37 -10.38 -16.37
C LEU D 58 -12.51 -9.30 -17.42
N TYR D 59 -13.14 -9.64 -18.53
CA TYR D 59 -13.17 -8.72 -19.65
C TYR D 59 -14.20 -7.64 -19.47
N ALA D 60 -15.20 -7.92 -18.66
CA ALA D 60 -16.16 -6.88 -18.23
C ALA D 60 -15.51 -5.77 -17.41
N TYR D 61 -14.52 -6.12 -16.59
CA TYR D 61 -13.79 -5.13 -15.83
C TYR D 61 -12.70 -4.49 -16.68
N PHE D 62 -12.04 -5.27 -17.51
CA PHE D 62 -10.95 -4.75 -18.34
C PHE D 62 -11.06 -5.21 -19.77
N PRO D 63 -11.29 -4.27 -20.69
CA PRO D 63 -11.48 -4.68 -22.07
C PRO D 63 -10.22 -5.32 -22.67
N SER D 64 -9.04 -5.03 -22.14
CA SER D 64 -7.81 -5.65 -22.67
C SER D 64 -6.67 -5.63 -21.71
N LYS D 65 -5.75 -6.55 -21.92
CA LYS D 65 -4.53 -6.60 -21.12
C LYS D 65 -3.86 -5.22 -21.08
N GLU D 66 -3.87 -4.49 -22.18
CA GLU D 66 -3.33 -3.13 -22.17
C GLU D 66 -4.05 -2.24 -21.19
N ALA D 67 -5.37 -2.24 -21.27
CA ALA D 67 -6.20 -1.41 -20.40
C ALA D 67 -5.97 -1.81 -18.96
N LEU D 68 -5.75 -3.09 -18.71
CA LEU D 68 -5.47 -3.53 -17.37
C LEU D 68 -4.22 -2.86 -16.83
N PHE D 69 -3.15 -2.89 -17.62
CA PHE D 69 -1.87 -2.37 -17.16
C PHE D 69 -1.94 -0.88 -17.04
N ALA D 70 -2.69 -0.23 -17.91
CA ALA D 70 -2.90 1.21 -17.79
C ALA D 70 -3.59 1.56 -16.46
N SER D 71 -4.59 0.78 -16.03
CA SER D 71 -5.16 0.95 -14.70
C SER D 71 -4.10 0.96 -13.62
N LEU D 72 -3.23 -0.05 -13.62
CA LEU D 72 -2.21 -0.22 -12.61
C LEU D 72 -1.41 1.03 -12.62
N ILE D 73 -1.00 1.46 -13.82
CA ILE D 73 -0.11 2.60 -13.95
C ILE D 73 -0.77 3.84 -13.36
N VAL D 74 -1.95 4.22 -13.84
CA VAL D 74 -2.52 5.51 -13.43
C VAL D 74 -2.76 5.51 -11.96
N ALA D 75 -3.20 4.38 -11.41
CA ALA D 75 -3.59 4.28 -10.03
C ALA D 75 -2.39 4.43 -9.16
N GLU D 76 -1.35 3.66 -9.47
CA GLU D 76 -0.13 3.68 -8.67
C GLU D 76 0.51 5.03 -8.79
N CYS D 77 0.61 5.55 -10.01
CA CYS D 77 1.21 6.86 -10.20
C CYS D 77 0.46 8.00 -9.51
N GLU D 78 -0.87 8.01 -9.55
CA GLU D 78 -1.62 9.05 -8.82
C GLU D 78 -1.42 8.96 -7.32
N SER D 79 -1.37 7.73 -6.82
CA SER D 79 -1.11 7.44 -5.42
C SER D 79 0.21 8.05 -4.98
N LEU D 80 1.28 7.78 -5.74
CA LEU D 80 2.60 8.36 -5.50
C LEU D 80 2.55 9.84 -5.35
N GLN D 81 1.78 10.44 -6.22
CA GLN D 81 1.79 11.86 -6.36
C GLN D 81 1.15 12.53 -5.16
N ARG D 82 0.25 11.81 -4.48
CA ARG D 82 -0.36 12.29 -3.24
C ARG D 82 0.60 12.23 -2.03
N ASP D 83 1.52 11.28 -2.03
CA ASP D 83 2.52 11.15 -0.98
C ASP D 83 3.69 12.12 -1.17
N LEU D 84 3.67 12.95 -2.23
CA LEU D 84 4.66 14.01 -2.26
C LEU D 84 4.06 15.34 -1.84
N PRO D 85 4.87 16.20 -1.19
CA PRO D 85 4.31 17.46 -0.72
C PRO D 85 4.02 18.43 -1.85
N VAL D 86 3.23 19.46 -1.53
CA VAL D 86 3.15 20.64 -2.39
C VAL D 86 4.06 21.70 -1.72
N PRO D 87 5.22 21.97 -2.34
CA PRO D 87 6.20 22.70 -1.55
C PRO D 87 5.76 24.14 -1.34
N LYS D 88 5.87 24.62 -0.11
CA LYS D 88 5.48 25.97 0.25
C LYS D 88 6.71 26.82 0.46
N LEU D 89 6.72 27.96 -0.21
CA LEU D 89 7.82 28.90 -0.07
C LEU D 89 7.85 29.56 1.32
N SER D 90 6.70 29.60 1.99
CA SER D 90 6.57 29.99 3.41
C SER D 90 7.47 29.21 4.36
N ALA D 91 7.66 27.93 4.05
CA ALA D 91 8.43 27.00 4.86
C ALA D 91 9.92 27.33 4.88
N GLY D 92 10.37 28.17 3.94
CA GLY D 92 11.78 28.42 3.71
C GLY D 92 12.09 27.72 2.40
N LEU D 93 12.93 28.34 1.57
CA LEU D 93 13.30 27.77 0.29
C LEU D 93 13.97 26.40 0.42
N SER D 94 15.10 26.35 1.12
CA SER D 94 15.80 25.11 1.39
C SER D 94 14.96 24.00 2.03
N GLU D 95 14.19 24.31 3.08
CA GLU D 95 13.52 23.27 3.86
C GLU D 95 12.41 22.69 2.98
N ALA D 96 11.81 23.53 2.13
CA ALA D 96 10.82 23.07 1.17
C ALA D 96 11.40 22.08 0.18
N LEU D 97 12.55 22.45 -0.40
CA LEU D 97 13.22 21.61 -1.40
C LEU D 97 13.78 20.37 -0.78
N ARG D 98 14.28 20.54 0.43
CA ARG D 98 14.81 19.42 1.19
C ARG D 98 13.67 18.43 1.47
N ASP D 99 12.52 18.91 1.92
CA ASP D 99 11.34 18.05 2.08
C ASP D 99 10.98 17.32 0.81
N PHE D 100 10.96 18.03 -0.31
CA PHE D 100 10.49 17.47 -1.56
C PHE D 100 11.44 16.40 -2.07
N ALA D 101 12.74 16.66 -1.98
CA ALA D 101 13.74 15.68 -2.32
C ALA D 101 13.60 14.45 -1.45
N ARG D 102 13.43 14.67 -0.14
CA ARG D 102 13.31 13.56 0.80
C ARG D 102 12.18 12.62 0.40
N GLN D 103 11.04 13.18 0.03
CA GLN D 103 9.90 12.36 -0.30
C GLN D 103 10.10 11.74 -1.66
N TYR D 104 10.77 12.45 -2.55
CA TYR D 104 11.09 11.93 -3.89
C TYR D 104 11.91 10.67 -3.80
N LEU D 105 12.93 10.70 -2.97
CA LEU D 105 13.78 9.54 -2.85
C LEU D 105 13.07 8.43 -2.13
N HIS D 106 12.26 8.72 -1.10
CA HIS D 106 11.60 7.66 -0.35
C HIS D 106 10.68 6.97 -1.34
N THR D 107 9.96 7.71 -2.15
CA THR D 107 9.09 7.09 -3.16
C THR D 107 9.89 6.29 -4.18
N PHE D 108 11.11 6.72 -4.47
CA PHE D 108 11.96 5.98 -5.40
C PHE D 108 12.32 4.62 -4.84
N ILE D 109 12.79 4.65 -3.60
CA ILE D 109 13.26 3.48 -2.93
C ILE D 109 12.10 2.53 -2.71
N HIS D 110 11.04 2.97 -2.07
CA HIS D 110 10.00 2.07 -1.56
C HIS D 110 8.77 1.89 -2.49
N ARG D 111 8.86 2.31 -3.75
CA ARG D 111 7.68 2.16 -4.61
C ARG D 111 8.00 1.56 -5.95
N LYS D 112 6.99 1.52 -6.79
CA LYS D 112 6.98 0.63 -7.93
C LYS D 112 7.85 1.11 -9.11
N ASP D 113 8.11 2.42 -9.22
CA ASP D 113 8.85 3.00 -10.37
C ASP D 113 9.94 2.11 -10.99
N VAL D 114 10.82 1.52 -10.18
CA VAL D 114 11.82 0.59 -10.74
C VAL D 114 11.14 -0.64 -11.37
N ALA D 115 10.21 -1.25 -10.65
CA ALA D 115 9.55 -2.47 -11.14
C ALA D 115 8.79 -2.20 -12.41
N PHE D 116 8.08 -1.07 -12.44
CA PHE D 116 7.38 -0.64 -13.64
C PHE D 116 8.32 -0.53 -14.80
N VAL D 117 9.47 0.09 -14.58
CA VAL D 117 10.35 0.38 -15.67
C VAL D 117 10.92 -0.91 -16.19
N ARG D 118 11.31 -1.81 -15.29
CA ARG D 118 11.76 -3.14 -15.74
C ARG D 118 10.73 -3.77 -16.65
N ILE D 119 9.49 -3.74 -16.21
CA ILE D 119 8.43 -4.41 -16.94
C ILE D 119 8.24 -3.85 -18.33
N ILE D 120 8.21 -2.54 -18.40
CA ILE D 120 8.01 -1.85 -19.68
C ILE D 120 9.25 -1.99 -20.57
N ALA D 121 10.43 -1.94 -19.95
CA ALA D 121 11.66 -2.01 -20.68
C ALA D 121 11.79 -3.39 -21.32
N ASN D 122 11.28 -4.39 -20.63
CA ASN D 122 11.28 -5.75 -21.13
C ASN D 122 10.50 -5.96 -22.42
N GLU D 123 9.57 -5.06 -22.70
CA GLU D 123 8.74 -5.16 -23.89
C GLU D 123 9.44 -4.65 -25.13
N SER D 124 10.65 -4.11 -24.97
CA SER D 124 11.47 -3.77 -26.12
C SER D 124 10.73 -2.87 -27.09
N GLY D 125 9.99 -1.90 -26.58
CA GLY D 125 9.25 -0.93 -27.40
C GLY D 125 8.05 -1.42 -28.21
N ARG D 126 7.47 -2.56 -27.86
CA ARG D 126 6.19 -2.97 -28.43
C ARG D 126 5.01 -2.13 -27.97
N PHE D 127 5.12 -1.42 -26.84
CA PHE D 127 3.97 -0.74 -26.25
C PHE D 127 4.23 0.74 -25.90
N PRO D 128 4.55 1.54 -26.91
CA PRO D 128 4.87 2.94 -26.71
C PRO D 128 3.80 3.73 -25.97
N VAL D 129 2.53 3.38 -26.12
CA VAL D 129 1.48 4.14 -25.48
C VAL D 129 1.53 3.96 -23.97
N LEU D 130 1.77 2.74 -23.54
CA LEU D 130 1.93 2.45 -22.11
C LEU D 130 3.19 3.03 -21.55
N ALA D 131 4.25 2.98 -22.33
CA ALA D 131 5.50 3.56 -21.89
C ALA D 131 5.34 5.05 -21.64
N ARG D 132 4.72 5.74 -22.59
CA ARG D 132 4.52 7.17 -22.46
C ARG D 132 3.56 7.52 -21.32
N LEU D 133 2.57 6.65 -21.09
CA LEU D 133 1.58 6.88 -20.08
C LEU D 133 2.25 6.85 -18.74
N PHE D 134 3.13 5.88 -18.54
CA PHE D 134 3.90 5.83 -17.31
C PHE D 134 4.75 7.08 -17.16
N TYR D 135 5.51 7.41 -18.20
CA TYR D 135 6.39 8.52 -18.09
C TYR D 135 5.61 9.77 -17.68
N GLU D 136 4.52 10.06 -18.38
CA GLU D 136 3.79 11.27 -18.13
C GLU D 136 3.06 11.21 -16.80
N SER D 137 2.70 10.02 -16.35
CA SER D 137 1.94 9.89 -15.12
C SER D 137 2.79 9.95 -13.86
N GLY D 138 4.07 9.62 -13.99
CA GLY D 138 4.97 9.58 -12.86
C GLY D 138 6.10 10.60 -12.94
N PRO D 139 7.28 10.16 -13.43
CA PRO D 139 8.44 11.02 -13.64
C PRO D 139 8.14 12.42 -14.11
N GLU D 140 7.43 12.57 -15.22
CA GLU D 140 7.18 13.92 -15.75
C GLU D 140 6.25 14.69 -14.86
N ALA D 141 5.34 13.99 -14.21
CA ALA D 141 4.40 14.62 -13.28
C ALA D 141 5.12 15.21 -12.07
N THR D 142 6.12 14.48 -11.59
CA THR D 142 6.95 14.97 -10.51
C THR D 142 7.70 16.24 -10.95
N ILE D 143 8.30 16.19 -12.13
CA ILE D 143 8.96 17.35 -12.68
C ILE D 143 8.00 18.56 -12.67
N ARG D 144 6.79 18.37 -13.18
CA ARG D 144 5.86 19.47 -13.30
C ARG D 144 5.48 20.09 -11.94
N ARG D 145 5.30 19.27 -10.91
CA ARG D 145 4.98 19.81 -9.59
C ARG D 145 6.06 20.70 -9.05
N LEU D 146 7.27 20.21 -9.14
CA LEU D 146 8.42 20.94 -8.66
C LEU D 146 8.61 22.19 -9.49
N ALA D 147 8.44 22.06 -10.80
CA ALA D 147 8.57 23.19 -11.69
C ALA D 147 7.63 24.35 -11.27
N GLN D 148 6.41 24.05 -10.84
CA GLN D 148 5.53 25.14 -10.41
C GLN D 148 6.06 25.82 -9.19
N PHE D 149 6.61 25.03 -8.28
CA PHE D 149 7.17 25.60 -7.08
C PHE D 149 8.36 26.47 -7.43
N LEU D 150 9.21 25.98 -8.33
CA LEU D 150 10.34 26.77 -8.79
C LEU D 150 9.92 28.06 -9.48
N GLU D 151 8.79 28.05 -10.19
CA GLU D 151 8.36 29.29 -10.84
C GLU D 151 8.07 30.34 -9.79
N GLU D 152 7.49 29.90 -8.66
CA GLU D 152 7.17 30.81 -7.54
C GLU D 152 8.43 31.39 -6.97
N ALA D 153 9.43 30.54 -6.78
CA ALA D 153 10.68 30.99 -6.21
C ALA D 153 11.38 32.03 -7.11
N ARG D 154 11.30 31.81 -8.43
CA ARG D 154 11.84 32.79 -9.37
C ARG D 154 11.07 34.10 -9.38
N ALA D 155 9.74 34.02 -9.35
CA ALA D 155 8.89 35.19 -9.21
C ALA D 155 9.27 35.97 -7.95
N ALA D 156 9.67 35.28 -6.89
CA ALA D 156 10.13 35.95 -5.67
C ALA D 156 11.62 36.39 -5.71
N ARG D 157 12.24 36.31 -6.88
CA ARG D 157 13.65 36.68 -7.08
C ARG D 157 14.66 35.94 -6.19
N VAL D 158 14.27 34.77 -5.71
CA VAL D 158 15.09 34.04 -4.74
C VAL D 158 15.84 32.86 -5.43
N LEU D 159 15.43 32.55 -6.66
CA LEU D 159 16.18 31.73 -7.60
C LEU D 159 16.18 32.34 -8.99
N GLU D 160 17.19 31.97 -9.79
CA GLU D 160 17.34 32.50 -11.15
C GLU D 160 17.66 31.33 -12.11
N PHE D 161 16.87 31.25 -13.18
CA PHE D 161 17.02 30.21 -14.21
C PHE D 161 16.06 30.54 -15.38
N ASP D 162 16.39 30.04 -16.58
CA ASP D 162 15.60 30.35 -17.79
C ASP D 162 14.31 29.54 -17.90
N ASP D 163 14.37 28.26 -17.54
CA ASP D 163 13.24 27.35 -17.75
C ASP D 163 12.95 26.54 -16.48
N PRO D 164 11.71 26.59 -15.99
CA PRO D 164 11.35 25.90 -14.76
C PRO D 164 11.37 24.37 -14.85
N GLU D 166 13.20 22.56 -16.99
CA GLU D 166 14.63 22.24 -17.09
C GLU D 166 15.29 22.26 -15.72
N ALA D 167 14.99 23.28 -14.94
CA ALA D 167 15.54 23.42 -13.60
C ALA D 167 15.05 22.35 -12.64
N ALA D 168 13.79 21.98 -12.75
CA ALA D 168 13.25 20.89 -11.94
C ALA D 168 13.96 19.58 -12.28
N ASN D 169 14.09 19.30 -13.57
CA ASN D 169 14.78 18.12 -13.99
C ASN D 169 16.21 18.07 -13.48
N GLN D 170 16.87 19.21 -13.52
CA GLN D 170 18.23 19.27 -13.05
C GLN D 170 18.30 18.96 -11.58
N PHE D 171 17.40 19.58 -10.83
CA PHE D 171 17.37 19.34 -9.39
C PHE D 171 17.22 17.86 -9.06
N LEU D 172 16.30 17.19 -9.74
CA LEU D 172 16.00 15.79 -9.44
C LEU D 172 17.16 14.92 -9.92
N SER D 173 17.71 15.25 -11.07
CA SER D 173 18.87 14.52 -11.54
C SER D 173 20.02 14.55 -10.54
N LEU D 174 20.22 15.68 -9.88
CA LEU D 174 21.32 15.80 -8.94
C LEU D 174 21.05 14.94 -7.73
N VAL D 175 19.83 15.05 -7.24
CA VAL D 175 19.41 14.42 -6.00
C VAL D 175 19.38 12.90 -6.18
N ARG D 176 18.83 12.44 -7.29
CA ARG D 176 18.67 11.01 -7.47
C ARG D 176 19.97 10.40 -7.93
N GLY D 177 20.78 11.18 -8.63
CA GLY D 177 22.15 10.79 -8.90
C GLY D 177 22.20 9.46 -9.61
N GLU D 178 22.89 8.51 -9.04
CA GLU D 178 23.02 7.17 -9.63
C GLU D 178 22.33 6.10 -8.79
N LEU D 179 21.34 6.52 -8.03
CA LEU D 179 20.57 5.62 -7.20
C LEU D 179 19.78 4.56 -8.01
N PRO D 180 19.13 4.97 -9.09
CA PRO D 180 18.44 3.98 -9.92
C PRO D 180 19.33 2.80 -10.31
N LEU D 181 20.55 3.10 -10.70
CA LEU D 181 21.46 2.03 -11.10
C LEU D 181 21.78 1.14 -9.92
N LEU D 182 22.15 1.77 -8.81
CA LEU D 182 22.54 1.05 -7.63
C LEU D 182 21.42 0.12 -7.12
N ILE D 183 20.19 0.61 -7.20
CA ILE D 183 19.05 -0.17 -6.76
C ILE D 183 18.91 -1.39 -7.64
N VAL D 184 18.86 -1.13 -8.95
CA VAL D 184 18.77 -2.20 -9.93
C VAL D 184 19.84 -3.26 -9.75
N LEU D 185 21.05 -2.85 -9.37
CA LEU D 185 22.14 -3.81 -9.14
C LEU D 185 22.05 -4.45 -7.77
N GLY D 186 21.15 -3.95 -6.95
CA GLY D 186 20.96 -4.48 -5.62
C GLY D 186 22.01 -4.01 -4.67
N LEU D 187 22.57 -2.83 -4.90
CA LEU D 187 23.64 -2.33 -4.07
C LEU D 187 23.26 -1.13 -3.27
N SER D 188 22.07 -0.61 -3.53
CA SER D 188 21.60 0.51 -2.76
C SER D 188 21.09 0.09 -1.42
N ASP D 189 21.69 0.66 -0.38
CA ASP D 189 21.21 0.47 0.95
C ASP D 189 21.32 1.78 1.72
N LEU D 190 20.19 2.45 1.84
CA LEU D 190 20.21 3.81 2.34
C LEU D 190 19.51 3.98 3.67
N THR D 191 20.35 4.08 4.70
CA THR D 191 19.93 4.63 5.95
C THR D 191 19.37 6.03 5.72
N GLU D 192 18.58 6.51 6.68
CA GLU D 192 18.07 7.88 6.68
C GLU D 192 19.19 8.89 6.60
N GLU D 193 20.28 8.63 7.31
CA GLU D 193 21.42 9.56 7.33
C GLU D 193 22.11 9.58 5.97
N ALA D 194 22.16 8.43 5.32
CA ALA D 194 22.72 8.31 3.98
C ALA D 194 21.90 9.10 2.98
N ILE D 195 20.59 9.02 3.12
CA ILE D 195 19.68 9.80 2.30
C ILE D 195 19.85 11.29 2.53
N GLU D 196 19.93 11.73 3.78
CA GLU D 196 20.12 13.16 4.08
C GLU D 196 21.36 13.68 3.40
N GLN D 197 22.40 12.86 3.35
CA GLN D 197 23.64 13.30 2.76
C GLN D 197 23.47 13.46 1.26
N GLU D 198 22.70 12.57 0.64
CA GLU D 198 22.48 12.65 -0.81
C GLU D 198 21.79 13.94 -1.15
N ILE D 199 20.79 14.26 -0.35
CA ILE D 199 19.95 15.41 -0.58
C ILE D 199 20.75 16.68 -0.39
N GLU D 200 21.47 16.76 0.71
CA GLU D 200 22.20 17.98 1.04
C GLU D 200 23.24 18.32 -0.04
N ALA D 201 23.91 17.29 -0.57
CA ALA D 201 24.85 17.47 -1.66
C ALA D 201 24.17 18.03 -2.89
N GLY D 202 23.05 17.42 -3.25
CA GLY D 202 22.32 17.79 -4.45
C GLY D 202 21.79 19.19 -4.35
N LEU D 203 21.24 19.50 -3.19
CA LEU D 203 20.63 20.80 -2.93
C LEU D 203 21.69 21.89 -2.90
N LYS D 204 22.79 21.64 -2.19
CA LYS D 204 23.85 22.60 -2.09
C LYS D 204 24.28 23.06 -3.47
N PHE D 205 24.41 22.12 -4.38
CA PHE D 205 24.89 22.37 -5.72
C PHE D 205 23.88 23.14 -6.54
N PHE D 206 22.64 22.72 -6.45
CA PHE D 206 21.57 23.35 -7.16
C PHE D 206 21.45 24.84 -6.77
N LEU D 207 21.54 25.10 -5.47
CA LEU D 207 21.49 26.47 -4.98
C LEU D 207 22.71 27.26 -5.41
N LYS D 208 23.85 26.61 -5.45
CA LYS D 208 25.04 27.25 -5.92
C LYS D 208 24.89 27.76 -7.35
N ALA D 209 24.01 27.16 -8.15
CA ALA D 209 23.84 27.57 -9.55
C ALA D 209 22.64 28.46 -9.80
N CYS D 210 21.68 28.47 -8.89
CA CYS D 210 20.47 29.25 -9.09
C CYS D 210 20.24 30.37 -8.09
N GLN D 211 20.83 30.28 -6.90
CA GLN D 211 20.75 31.40 -5.98
C GLN D 211 21.46 32.54 -6.66
N PRO D 212 20.85 33.74 -6.64
CA PRO D 212 21.56 34.86 -7.22
C PRO D 212 22.79 35.13 -6.37
N ARG D 213 23.97 35.05 -7.00
CA ARG D 213 25.25 35.25 -6.32
C ARG D 213 25.37 36.74 -6.07
N ALA D 214 24.73 37.52 -6.96
CA ALA D 214 24.29 38.90 -6.69
C ALA D 214 25.41 39.90 -6.25
#